data_7R4B
#
_entry.id   7R4B
#
_cell.length_a   49.898
_cell.length_b   94.864
_cell.length_c   77.305
_cell.angle_alpha   90.000
_cell.angle_beta   107.487
_cell.angle_gamma   90.000
#
_symmetry.space_group_name_H-M   'P 1 21 1'
#
loop_
_entity.id
_entity.type
_entity.pdbx_description
1 polymer 'Chorismate mutase AroH'
2 non-polymer 1,2-ETHANEDIOL
3 water water
#
_entity_poly.entity_id   1
_entity_poly.type   'polypeptide(L)'
_entity_poly.pdbx_seq_one_letter_code
;MMFRGIRGATTVTEDTETEVLNKTKQLLEAIISRNEVDPERVVQILISATQDIHSVFPAKALRQFEGWTYVPVTCMQELD
IHGGLKHCIRVLMTVQTDTKQEDVQHVYLEEAVTLRPDLQLTKNKELHHHHHH
;
_entity_poly.pdbx_strand_id   A,B,C,D,E,F
#
# COMPACT_ATOMS: atom_id res chain seq x y z
N MET A 1 -4.98 13.19 40.90
CA MET A 1 -3.68 13.30 40.20
C MET A 1 -2.96 11.94 40.00
N MET A 2 -3.32 11.23 38.94
CA MET A 2 -2.84 9.89 38.65
C MET A 2 -1.68 9.95 37.68
N PHE A 3 -0.92 8.84 37.62
CA PHE A 3 0.21 8.70 36.71
C PHE A 3 0.09 7.42 35.91
N ARG A 4 0.60 7.44 34.67
CA ARG A 4 0.55 6.31 33.78
C ARG A 4 1.87 6.19 33.04
N GLY A 5 2.34 4.95 32.88
CA GLY A 5 3.43 4.69 31.94
C GLY A 5 2.90 4.66 30.52
N ILE A 6 3.69 5.23 29.61
CA ILE A 6 3.38 5.24 28.19
C ILE A 6 4.57 4.59 27.47
N ARG A 7 4.30 3.54 26.71
CA ARG A 7 5.36 2.82 26.02
C ARG A 7 5.46 3.23 24.56
N GLY A 8 6.68 3.20 24.05
CA GLY A 8 6.90 3.29 22.62
C GLY A 8 8.01 2.35 22.21
N ALA A 9 8.01 1.98 20.93
CA ALA A 9 9.10 1.18 20.40
C ALA A 9 9.30 1.53 18.93
N THR A 10 10.57 1.54 18.50
CA THR A 10 10.92 1.81 17.12
C THR A 10 12.20 1.04 16.81
N THR A 11 12.65 1.14 15.57
CA THR A 11 13.93 0.57 15.18
C THR A 11 14.70 1.56 14.34
N VAL A 12 16.01 1.33 14.26
CA VAL A 12 16.88 2.07 13.36
C VAL A 12 17.36 1.12 12.28
N THR A 13 17.68 1.70 11.13
CA THR A 13 18.18 0.92 9.99
C THR A 13 19.68 0.67 10.08
N GLU A 14 20.39 1.46 10.88
CA GLU A 14 21.81 1.24 11.15
C GLU A 14 22.14 2.03 12.41
N ASP A 15 23.27 1.66 13.04
CA ASP A 15 23.72 2.30 14.26
C ASP A 15 24.59 3.52 13.93
N THR A 16 23.93 4.61 13.55
CA THR A 16 24.57 5.90 13.38
C THR A 16 23.87 6.94 14.24
N GLU A 17 24.59 7.99 14.61
CA GLU A 17 24.01 9.00 15.48
C GLU A 17 22.80 9.64 14.83
N THR A 18 22.89 9.99 13.55
CA THR A 18 21.76 10.66 12.90
C THR A 18 20.52 9.79 12.93
N GLU A 19 20.69 8.50 12.62
CA GLU A 19 19.54 7.60 12.57
C GLU A 19 18.96 7.37 13.96
N VAL A 20 19.82 7.10 14.96
CA VAL A 20 19.34 6.90 16.33
C VAL A 20 18.58 8.14 16.81
N LEU A 21 19.14 9.32 16.62
CA LEU A 21 18.45 10.52 17.10
C LEU A 21 17.17 10.79 16.32
N ASN A 22 17.20 10.65 14.99
CA ASN A 22 16.00 10.93 14.23
C ASN A 22 14.88 9.95 14.56
N LYS A 23 15.18 8.65 14.66
CA LYS A 23 14.14 7.68 14.97
C LYS A 23 13.62 7.83 16.40
N THR A 24 14.51 8.17 17.35
CA THR A 24 14.05 8.38 18.72
C THR A 24 13.18 9.63 18.80
N LYS A 25 13.60 10.70 18.12
CA LYS A 25 12.78 11.90 18.02
C LYS A 25 11.41 11.60 17.46
N GLN A 26 11.35 10.86 16.34
CA GLN A 26 10.05 10.58 15.73
C GLN A 26 9.15 9.77 16.66
N LEU A 27 9.72 8.83 17.40
CA LEU A 27 8.92 8.06 18.34
C LEU A 27 8.40 8.94 19.46
N LEU A 28 9.27 9.75 20.05
CA LEU A 28 8.85 10.67 21.11
C LEU A 28 7.78 11.63 20.62
N GLU A 29 7.95 12.18 19.41
CA GLU A 29 6.94 13.08 18.87
C GLU A 29 5.57 12.41 18.79
N ALA A 30 5.55 11.14 18.37
CA ALA A 30 4.27 10.43 18.28
C ALA A 30 3.66 10.18 19.65
N ILE A 31 4.49 9.78 20.63
CA ILE A 31 3.97 9.59 21.98
C ILE A 31 3.37 10.89 22.50
N ILE A 32 4.09 11.99 22.30
CA ILE A 32 3.70 13.29 22.85
C ILE A 32 2.41 13.80 22.21
N SER A 33 2.31 13.69 20.89
N SER A 33 2.28 13.66 20.89
CA SER A 33 1.13 14.19 20.20
CA SER A 33 1.12 14.21 20.21
C SER A 33 -0.10 13.38 20.59
C SER A 33 -0.14 13.38 20.47
N ARG A 34 0.00 12.05 20.51
CA ARG A 34 -1.16 11.20 20.71
C ARG A 34 -1.68 11.25 22.13
N ASN A 35 -0.81 11.48 23.10
CA ASN A 35 -1.22 11.57 24.49
C ASN A 35 -1.28 12.99 25.02
N GLU A 36 -1.14 13.98 24.14
CA GLU A 36 -1.16 15.39 24.49
C GLU A 36 -0.29 15.66 25.72
N VAL A 37 0.96 15.25 25.63
CA VAL A 37 1.86 15.28 26.77
C VAL A 37 2.52 16.65 26.91
N ASP A 38 2.30 17.31 28.03
CA ASP A 38 2.99 18.54 28.44
C ASP A 38 4.25 18.14 29.17
N PRO A 39 5.42 18.62 28.75
CA PRO A 39 6.66 18.21 29.43
C PRO A 39 6.62 18.43 30.94
N GLU A 40 5.94 19.48 31.39
CA GLU A 40 5.89 19.77 32.82
C GLU A 40 5.15 18.70 33.61
N ARG A 41 4.34 17.88 32.94
CA ARG A 41 3.62 16.77 33.57
C ARG A 41 4.36 15.45 33.51
N VAL A 42 5.57 15.44 32.98
CA VAL A 42 6.32 14.20 32.83
C VAL A 42 7.24 14.02 34.03
N VAL A 43 7.04 12.91 34.76
CA VAL A 43 7.86 12.60 35.93
C VAL A 43 9.28 12.27 35.51
N GLN A 44 9.42 11.39 34.50
CA GLN A 44 10.70 10.87 34.05
C GLN A 44 10.47 10.05 32.79
N ILE A 45 11.54 9.80 32.07
CA ILE A 45 11.54 8.94 30.90
C ILE A 45 12.66 7.93 31.03
N LEU A 46 12.38 6.68 30.68
CA LEU A 46 13.41 5.66 30.48
C LEU A 46 13.45 5.28 29.01
N ILE A 47 14.67 5.09 28.49
CA ILE A 47 14.82 4.64 27.09
C ILE A 47 15.79 3.47 27.10
N SER A 48 15.35 2.32 26.58
CA SER A 48 16.26 1.20 26.39
C SER A 48 16.68 1.08 24.94
N ALA A 49 17.85 0.49 24.73
CA ALA A 49 18.31 0.15 23.40
C ALA A 49 18.87 -1.26 23.45
N THR A 50 18.71 -1.99 22.34
CA THR A 50 19.38 -3.28 22.22
C THR A 50 20.89 -3.06 22.19
N GLN A 51 21.63 -4.14 22.44
N GLN A 51 21.63 -4.14 22.47
CA GLN A 51 23.08 -4.08 22.65
CA GLN A 51 23.08 -4.04 22.68
C GLN A 51 23.87 -4.01 21.36
C GLN A 51 23.86 -3.85 21.39
N ASP A 52 23.18 -3.72 20.25
CA ASP A 52 23.80 -3.42 18.97
C ASP A 52 23.74 -1.94 18.63
N ILE A 53 23.43 -1.07 19.60
CA ILE A 53 23.40 0.37 19.39
C ILE A 53 24.45 1.02 20.29
N HIS A 54 25.43 1.67 19.68
CA HIS A 54 26.54 2.26 20.41
C HIS A 54 26.88 3.68 19.96
N SER A 55 26.18 4.22 18.96
CA SER A 55 26.65 5.47 18.36
C SER A 55 26.36 6.70 19.21
N VAL A 56 25.26 6.70 19.98
CA VAL A 56 24.82 7.88 20.72
C VAL A 56 23.79 7.41 21.74
N PHE A 57 23.69 8.10 22.87
CA PHE A 57 22.59 7.84 23.79
C PHE A 57 21.29 8.33 23.14
N PRO A 58 20.27 7.49 23.01
CA PRO A 58 19.00 7.97 22.45
C PRO A 58 18.44 9.15 23.19
N ALA A 59 18.74 9.28 24.50
CA ALA A 59 18.25 10.39 25.29
C ALA A 59 18.68 11.75 24.77
N LYS A 60 19.77 11.83 24.01
CA LYS A 60 20.22 13.11 23.47
C LYS A 60 19.18 13.71 22.55
N ALA A 61 18.27 12.89 22.01
CA ALA A 61 17.23 13.44 21.15
C ALA A 61 16.37 14.45 21.88
N LEU A 62 16.24 14.32 23.20
CA LEU A 62 15.38 15.25 23.94
C LEU A 62 15.86 16.69 23.86
N ARG A 63 17.14 16.91 23.57
CA ARG A 63 17.65 18.26 23.40
C ARG A 63 16.96 18.99 22.26
N GLN A 64 16.31 18.28 21.36
CA GLN A 64 15.66 18.89 20.21
C GLN A 64 14.22 19.28 20.50
N PHE A 65 13.73 19.10 21.74
CA PHE A 65 12.33 19.30 22.09
C PHE A 65 12.19 20.56 22.96
N GLU A 66 11.60 21.60 22.36
CA GLU A 66 11.36 22.83 23.09
C GLU A 66 10.52 22.54 24.32
N GLY A 67 11.00 23.03 25.47
CA GLY A 67 10.26 22.90 26.70
C GLY A 67 10.56 21.67 27.52
N TRP A 68 11.40 20.76 27.01
CA TRP A 68 11.70 19.49 27.67
C TRP A 68 13.04 19.50 28.42
N THR A 69 13.62 20.68 28.62
CA THR A 69 14.97 20.79 29.18
C THR A 69 15.07 20.16 30.57
N TYR A 70 14.00 20.21 31.35
CA TYR A 70 14.03 19.78 32.74
C TYR A 70 13.38 18.42 32.94
N VAL A 71 13.04 17.70 31.88
CA VAL A 71 12.45 16.38 32.03
C VAL A 71 13.57 15.36 32.21
N PRO A 72 13.60 14.64 33.33
CA PRO A 72 14.69 13.69 33.55
C PRO A 72 14.55 12.47 32.67
N VAL A 73 15.67 12.05 32.11
CA VAL A 73 15.70 10.90 31.21
C VAL A 73 16.98 10.12 31.46
N THR A 74 16.88 8.80 31.37
CA THR A 74 18.10 8.01 31.44
C THR A 74 17.85 6.73 30.65
N CYS A 75 18.94 6.04 30.33
CA CYS A 75 18.90 4.88 29.44
C CYS A 75 19.29 3.59 30.14
N MET A 76 19.05 2.49 29.44
N MET A 76 19.05 2.48 29.46
CA MET A 76 19.37 1.17 29.95
CA MET A 76 19.57 1.20 29.92
C MET A 76 19.49 0.20 28.78
C MET A 76 19.65 0.27 28.72
N GLN A 77 20.33 -0.82 28.94
N GLN A 77 20.23 -0.90 28.94
CA GLN A 77 20.42 -1.87 27.94
CA GLN A 77 20.45 -1.88 27.88
C GLN A 77 19.20 -2.78 28.01
C GLN A 77 19.36 -2.95 27.95
N GLU A 78 18.65 -3.10 26.84
CA GLU A 78 17.63 -4.13 26.71
C GLU A 78 18.29 -5.50 26.68
N LEU A 79 17.53 -6.49 27.11
CA LEU A 79 17.98 -7.88 27.06
C LEU A 79 18.30 -8.28 25.62
N ASP A 80 19.22 -9.25 25.49
CA ASP A 80 19.56 -9.86 24.21
C ASP A 80 18.83 -11.20 24.11
N ILE A 81 17.67 -11.18 23.47
CA ILE A 81 16.80 -12.35 23.40
C ILE A 81 16.93 -12.98 22.02
N HIS A 82 17.08 -14.30 21.99
CA HIS A 82 17.15 -15.00 20.72
C HIS A 82 15.86 -14.75 19.95
N GLY A 83 16.01 -14.24 18.73
CA GLY A 83 14.84 -13.83 17.96
C GLY A 83 14.29 -12.47 18.31
N GLY A 84 14.86 -11.77 19.27
CA GLY A 84 14.41 -10.44 19.57
C GLY A 84 14.72 -9.47 18.45
N LEU A 85 13.90 -8.43 18.34
CA LEU A 85 14.08 -7.44 17.30
C LEU A 85 15.38 -6.68 17.50
N LYS A 86 16.19 -6.65 16.45
CA LYS A 86 17.49 -5.99 16.49
C LYS A 86 17.33 -4.48 16.31
N HIS A 87 18.34 -3.73 16.74
CA HIS A 87 18.37 -2.28 16.52
C HIS A 87 17.10 -1.59 17.00
N CYS A 88 16.67 -1.95 18.21
CA CYS A 88 15.36 -1.56 18.73
C CYS A 88 15.52 -0.63 19.92
N ILE A 89 14.78 0.48 19.87
CA ILE A 89 14.75 1.51 20.90
C ILE A 89 13.37 1.51 21.51
N ARG A 90 13.29 1.41 22.84
CA ARG A 90 12.02 1.37 23.55
C ARG A 90 11.94 2.46 24.60
N VAL A 91 10.80 3.12 24.69
CA VAL A 91 10.58 4.22 25.61
C VAL A 91 9.53 3.81 26.65
N LEU A 92 9.75 4.23 27.89
CA LEU A 92 8.74 4.15 28.96
C LEU A 92 8.72 5.53 29.62
N MET A 93 7.70 6.31 29.30
CA MET A 93 7.54 7.67 29.77
C MET A 93 6.46 7.68 30.85
N THR A 94 6.76 8.26 32.01
CA THR A 94 5.83 8.28 33.13
C THR A 94 5.21 9.66 33.19
N VAL A 95 3.90 9.74 32.98
CA VAL A 95 3.20 11.00 32.79
C VAL A 95 2.08 11.13 33.81
N GLN A 96 1.89 12.34 34.32
CA GLN A 96 0.73 12.68 35.13
C GLN A 96 -0.44 12.87 34.18
N THR A 97 -1.35 11.90 34.16
CA THR A 97 -2.52 11.97 33.31
C THR A 97 -3.67 11.23 33.99
N ASP A 98 -4.87 11.76 33.76
CA ASP A 98 -6.12 11.21 34.26
C ASP A 98 -6.79 10.26 33.28
N THR A 99 -6.19 9.98 32.14
CA THR A 99 -6.80 9.08 31.15
C THR A 99 -6.93 7.68 31.76
N LYS A 100 -8.02 7.00 31.42
CA LYS A 100 -8.20 5.62 31.86
C LYS A 100 -7.03 4.78 31.36
N GLN A 101 -6.65 3.78 32.15
CA GLN A 101 -5.48 2.96 31.82
C GLN A 101 -5.58 2.39 30.42
N GLU A 102 -6.76 1.85 30.07
CA GLU A 102 -6.90 1.21 28.77
C GLU A 102 -6.88 2.18 27.61
N ASP A 103 -7.03 3.47 27.87
CA ASP A 103 -7.14 4.49 26.82
C ASP A 103 -5.80 5.20 26.55
N VAL A 104 -4.70 4.74 27.16
CA VAL A 104 -3.38 5.33 26.93
C VAL A 104 -2.87 4.89 25.57
N GLN A 105 -2.19 5.79 24.86
CA GLN A 105 -1.74 5.53 23.50
C GLN A 105 -0.27 5.11 23.49
N HIS A 106 -0.02 3.80 23.39
CA HIS A 106 1.32 3.24 23.25
C HIS A 106 1.65 3.14 21.76
N VAL A 107 2.89 3.45 21.41
CA VAL A 107 3.24 3.73 20.02
C VAL A 107 4.29 2.74 19.52
N TYR A 108 4.03 2.13 18.37
CA TYR A 108 4.95 1.18 17.75
C TYR A 108 5.21 1.62 16.32
N LEU A 109 6.46 1.90 15.99
CA LEU A 109 6.83 2.41 14.68
C LEU A 109 7.91 1.55 14.03
N GLU A 110 8.09 1.75 12.72
CA GLU A 110 9.14 1.10 11.94
C GLU A 110 8.98 -0.42 12.11
N GLU A 111 10.07 -1.16 12.27
CA GLU A 111 9.94 -2.61 12.35
C GLU A 111 9.34 -3.04 13.68
N ALA A 112 9.32 -2.15 14.67
CA ALA A 112 8.71 -2.47 15.96
C ALA A 112 7.19 -2.56 15.89
N VAL A 113 6.56 -2.25 14.76
N VAL A 113 6.58 -2.22 14.74
CA VAL A 113 5.14 -2.57 14.63
CA VAL A 113 5.17 -2.58 14.53
C VAL A 113 4.93 -4.07 14.81
C VAL A 113 4.97 -4.06 14.86
N THR A 114 5.96 -4.89 14.56
CA THR A 114 5.86 -6.32 14.80
C THR A 114 5.73 -6.68 16.29
N LEU A 115 6.01 -5.74 17.20
CA LEU A 115 5.84 -5.99 18.62
C LEU A 115 4.48 -5.57 19.13
N ARG A 116 3.67 -4.94 18.28
CA ARG A 116 2.37 -4.46 18.73
C ARG A 116 1.54 -5.62 19.26
N PRO A 117 0.87 -5.44 20.41
CA PRO A 117 0.22 -6.60 21.05
C PRO A 117 -0.76 -7.34 20.15
N ASP A 118 -1.54 -6.63 19.34
CA ASP A 118 -2.53 -7.32 18.53
C ASP A 118 -1.89 -8.23 17.49
N LEU A 119 -0.65 -7.96 17.09
CA LEU A 119 0.05 -8.79 16.11
C LEU A 119 0.76 -9.98 16.73
N GLN A 120 0.64 -10.19 18.04
CA GLN A 120 1.25 -11.35 18.69
C GLN A 120 0.25 -12.52 18.76
N MET B 1 -26.42 6.45 -13.43
CA MET B 1 -26.60 5.35 -12.49
C MET B 1 -27.20 5.90 -11.24
N MET B 2 -27.77 5.02 -10.45
CA MET B 2 -28.27 5.34 -9.12
C MET B 2 -27.08 5.40 -8.14
N PHE B 3 -27.35 5.95 -6.97
CA PHE B 3 -26.39 6.06 -5.87
C PHE B 3 -27.06 5.53 -4.61
N ARG B 4 -26.25 4.92 -3.75
CA ARG B 4 -26.77 4.26 -2.57
C ARG B 4 -25.85 4.49 -1.38
N GLY B 5 -26.46 4.70 -0.21
CA GLY B 5 -25.70 4.65 1.02
C GLY B 5 -25.49 3.23 1.51
N ILE B 6 -24.29 2.97 2.03
CA ILE B 6 -23.95 1.69 2.64
C ILE B 6 -23.56 1.95 4.07
N ARG B 7 -24.24 1.29 5.00
CA ARG B 7 -23.98 1.44 6.41
C ARG B 7 -23.09 0.33 6.95
N GLY B 8 -22.28 0.72 7.95
CA GLY B 8 -21.57 -0.25 8.76
C GLY B 8 -21.56 0.23 10.20
N ALA B 9 -21.36 -0.73 11.10
CA ALA B 9 -21.12 -0.40 12.49
C ALA B 9 -20.22 -1.46 13.11
N THR B 10 -19.37 -1.02 14.04
CA THR B 10 -18.49 -1.91 14.79
C THR B 10 -18.24 -1.29 16.15
N THR B 11 -17.50 -2.01 16.99
CA THR B 11 -17.14 -1.50 18.31
C THR B 11 -15.69 -1.86 18.61
N VAL B 12 -15.13 -1.10 19.56
CA VAL B 12 -13.81 -1.39 20.12
C VAL B 12 -13.94 -1.65 21.61
N THR B 13 -12.94 -2.37 22.17
CA THR B 13 -12.96 -2.66 23.60
C THR B 13 -12.30 -1.56 24.43
N GLU B 14 -11.52 -0.69 23.81
CA GLU B 14 -10.92 0.44 24.50
C GLU B 14 -10.61 1.49 23.45
N ASP B 15 -10.43 2.72 23.93
CA ASP B 15 -10.20 3.88 23.06
C ASP B 15 -8.71 4.04 22.80
N THR B 16 -8.20 3.19 21.92
CA THR B 16 -6.81 3.30 21.46
C THR B 16 -6.79 3.42 19.95
N GLU B 17 -5.78 4.12 19.44
CA GLU B 17 -5.62 4.29 18.01
C GLU B 17 -5.51 2.94 17.34
N THR B 18 -4.75 2.02 17.92
CA THR B 18 -4.60 0.71 17.30
C THR B 18 -5.94 0.01 17.15
N GLU B 19 -6.75 -0.02 18.21
CA GLU B 19 -8.02 -0.73 18.13
C GLU B 19 -9.00 0.00 17.22
N VAL B 20 -9.09 1.32 17.34
CA VAL B 20 -10.01 2.09 16.50
C VAL B 20 -9.67 1.88 15.04
N LEU B 21 -8.40 2.01 14.68
CA LEU B 21 -8.05 1.85 13.28
C LEU B 21 -8.21 0.41 12.83
N ASN B 22 -7.84 -0.57 13.65
CA ASN B 22 -8.00 -1.96 13.24
C ASN B 22 -9.45 -2.30 12.98
N LYS B 23 -10.34 -1.89 13.90
CA LYS B 23 -11.75 -2.24 13.75
C LYS B 23 -12.39 -1.45 12.63
N THR B 24 -12.00 -0.18 12.46
CA THR B 24 -12.55 0.60 11.35
C THR B 24 -12.09 0.02 10.02
N LYS B 25 -10.82 -0.38 9.94
CA LYS B 25 -10.30 -1.02 8.74
C LYS B 25 -11.06 -2.31 8.43
N GLN B 26 -11.29 -3.14 9.45
CA GLN B 26 -12.00 -4.40 9.21
C GLN B 26 -13.43 -4.13 8.74
N LEU B 27 -14.07 -3.12 9.30
CA LEU B 27 -15.43 -2.78 8.88
C LEU B 27 -15.44 -2.28 7.44
N LEU B 28 -14.54 -1.36 7.10
CA LEU B 28 -14.46 -0.88 5.72
C LEU B 28 -14.12 -2.03 4.76
N GLU B 29 -13.19 -2.90 5.15
CA GLU B 29 -12.86 -4.04 4.29
C GLU B 29 -14.09 -4.89 3.97
N ALA B 30 -14.91 -5.16 4.98
CA ALA B 30 -16.12 -5.95 4.78
C ALA B 30 -17.11 -5.23 3.87
N ILE B 31 -17.33 -3.92 4.08
CA ILE B 31 -18.21 -3.15 3.20
C ILE B 31 -17.70 -3.23 1.77
N ILE B 32 -16.41 -2.99 1.59
CA ILE B 32 -15.80 -2.91 0.26
C ILE B 32 -15.88 -4.25 -0.46
N SER B 33 -15.55 -5.33 0.25
N SER B 33 -15.57 -5.34 0.24
CA SER B 33 -15.56 -6.65 -0.36
CA SER B 33 -15.56 -6.64 -0.41
C SER B 33 -16.98 -7.09 -0.70
C SER B 33 -16.98 -7.16 -0.68
N ARG B 34 -17.89 -6.98 0.27
CA ARG B 34 -19.24 -7.53 0.07
C ARG B 34 -20.01 -6.75 -0.97
N ASN B 35 -19.68 -5.49 -1.20
CA ASN B 35 -20.37 -4.66 -2.18
C ASN B 35 -19.50 -4.35 -3.40
N GLU B 36 -18.33 -4.97 -3.50
CA GLU B 36 -17.40 -4.77 -4.61
C GLU B 36 -17.23 -3.28 -4.94
N VAL B 37 -16.79 -2.53 -3.93
CA VAL B 37 -16.69 -1.08 -4.05
C VAL B 37 -15.32 -0.67 -4.57
N ASP B 38 -15.31 0.01 -5.70
CA ASP B 38 -14.11 0.65 -6.22
C ASP B 38 -14.07 2.11 -5.78
N PRO B 39 -12.88 2.58 -5.39
CA PRO B 39 -12.83 3.92 -4.76
C PRO B 39 -13.34 5.01 -5.65
N GLU B 40 -13.13 4.91 -6.97
CA GLU B 40 -13.54 5.98 -7.88
C GLU B 40 -15.04 6.15 -7.91
N ARG B 41 -15.79 5.14 -7.49
CA ARG B 41 -17.25 5.21 -7.42
C ARG B 41 -17.78 5.70 -6.08
N VAL B 42 -16.90 6.04 -5.14
CA VAL B 42 -17.32 6.53 -3.82
C VAL B 42 -17.40 8.05 -3.82
N VAL B 43 -18.61 8.57 -3.64
CA VAL B 43 -18.83 10.00 -3.53
C VAL B 43 -18.13 10.56 -2.31
N GLN B 44 -18.33 9.92 -1.18
CA GLN B 44 -17.86 10.40 0.13
C GLN B 44 -18.18 9.33 1.16
N ILE B 45 -17.51 9.45 2.30
CA ILE B 45 -17.73 8.61 3.46
C ILE B 45 -17.91 9.51 4.67
N LEU B 46 -18.90 9.19 5.50
CA LEU B 46 -19.03 9.76 6.83
C LEU B 46 -18.77 8.66 7.86
N ILE B 47 -18.04 9.00 8.92
CA ILE B 47 -17.77 8.07 10.00
C ILE B 47 -18.09 8.77 11.32
N SER B 48 -19.01 8.19 12.09
CA SER B 48 -19.27 8.70 13.42
C SER B 48 -18.60 7.80 14.47
N ALA B 49 -18.36 8.40 15.63
CA ALA B 49 -17.93 7.66 16.80
C ALA B 49 -18.65 8.21 18.01
N THR B 50 -18.92 7.34 18.97
CA THR B 50 -19.46 7.77 20.26
C THR B 50 -18.45 8.66 20.99
N GLN B 51 -18.97 9.41 21.96
CA GLN B 51 -18.17 10.44 22.60
C GLN B 51 -17.18 9.89 23.62
N ASP B 52 -17.07 8.57 23.75
CA ASP B 52 -16.00 7.90 24.46
C ASP B 52 -14.81 7.56 23.58
N ILE B 53 -14.79 8.05 22.35
N ILE B 53 -14.78 8.05 22.34
CA ILE B 53 -13.68 7.85 21.42
CA ILE B 53 -13.65 7.80 21.44
C ILE B 53 -12.97 9.18 21.22
C ILE B 53 -12.95 9.11 21.15
N HIS B 54 -11.70 9.23 21.65
CA HIS B 54 -10.87 10.42 21.50
C HIS B 54 -9.50 10.10 20.92
N SER B 55 -9.21 8.83 20.62
CA SER B 55 -7.83 8.44 20.36
C SER B 55 -7.33 8.84 18.97
N VAL B 56 -8.20 8.80 17.96
CA VAL B 56 -7.78 8.97 16.57
C VAL B 56 -9.06 9.22 15.77
N PHE B 57 -8.94 10.00 14.71
CA PHE B 57 -10.04 10.06 13.75
C PHE B 57 -10.15 8.72 13.03
N PRO B 58 -11.30 8.05 13.04
CA PRO B 58 -11.41 6.77 12.31
C PRO B 58 -11.08 6.88 10.84
N ALA B 59 -11.24 8.07 10.27
CA ALA B 59 -10.90 8.32 8.88
C ALA B 59 -9.47 7.93 8.55
N LYS B 60 -8.56 7.96 9.53
CA LYS B 60 -7.17 7.59 9.27
C LYS B 60 -7.03 6.15 8.80
N ALA B 61 -8.03 5.31 9.04
CA ALA B 61 -7.93 3.93 8.55
C ALA B 61 -7.86 3.86 7.04
N LEU B 62 -8.34 4.88 6.34
CA LEU B 62 -8.28 4.85 4.89
C LEU B 62 -6.86 4.80 4.37
N ARG B 63 -5.87 5.21 5.17
CA ARG B 63 -4.49 5.11 4.71
C ARG B 63 -4.09 3.69 4.41
N GLN B 64 -4.80 2.70 4.94
CA GLN B 64 -4.47 1.31 4.71
C GLN B 64 -5.13 0.73 3.46
N PHE B 65 -5.88 1.54 2.71
CA PHE B 65 -6.54 1.09 1.50
C PHE B 65 -5.88 1.79 0.31
N GLU B 66 -5.02 1.06 -0.36
CA GLU B 66 -4.35 1.65 -1.51
C GLU B 66 -5.39 2.05 -2.55
N GLY B 67 -5.22 3.25 -3.11
CA GLY B 67 -6.15 3.78 -4.07
C GLY B 67 -7.28 4.60 -3.51
N TRP B 68 -7.38 4.71 -2.18
CA TRP B 68 -8.44 5.45 -1.52
C TRP B 68 -7.99 6.81 -1.01
N THR B 69 -6.80 7.28 -1.43
CA THR B 69 -6.23 8.52 -0.88
C THR B 69 -7.15 9.71 -1.09
N TYR B 70 -7.85 9.73 -2.22
CA TYR B 70 -8.66 10.89 -2.60
C TYR B 70 -10.14 10.64 -2.38
N VAL B 71 -10.52 9.57 -1.68
CA VAL B 71 -11.92 9.38 -1.32
C VAL B 71 -12.23 10.31 -0.16
N PRO B 72 -13.16 11.24 -0.29
CA PRO B 72 -13.37 12.19 0.79
C PRO B 72 -14.05 11.52 1.95
N VAL B 73 -13.55 11.83 3.14
CA VAL B 73 -14.08 11.28 4.37
C VAL B 73 -14.08 12.38 5.42
N THR B 74 -15.14 12.42 6.22
CA THR B 74 -15.07 13.29 7.38
C THR B 74 -15.87 12.63 8.50
N CYS B 75 -15.56 13.03 9.72
CA CYS B 75 -16.09 12.38 10.90
C CYS B 75 -17.10 13.27 11.61
N MET B 76 -17.74 12.68 12.62
N MET B 76 -17.78 12.67 12.57
CA MET B 76 -18.75 13.38 13.39
CA MET B 76 -18.61 13.47 13.47
C MET B 76 -19.01 12.61 14.68
C MET B 76 -18.84 12.68 14.73
N GLN B 77 -19.44 13.34 15.71
CA GLN B 77 -19.76 12.70 16.98
C GLN B 77 -21.19 12.17 16.97
N GLU B 78 -21.33 10.91 17.34
CA GLU B 78 -22.63 10.27 17.46
C GLU B 78 -23.35 10.75 18.74
N LEU B 79 -24.68 10.71 18.69
CA LEU B 79 -25.48 11.01 19.88
C LEU B 79 -25.12 10.11 21.04
N ASP B 80 -25.32 10.64 22.24
CA ASP B 80 -25.15 9.88 23.48
C ASP B 80 -26.55 9.48 23.93
N ILE B 81 -26.97 8.28 23.55
CA ILE B 81 -28.31 7.76 23.84
C ILE B 81 -28.19 6.81 25.01
N HIS B 82 -29.04 6.99 26.01
CA HIS B 82 -28.95 6.13 27.18
C HIS B 82 -29.28 4.71 26.75
N GLY B 83 -28.40 3.76 27.06
CA GLY B 83 -28.52 2.40 26.57
C GLY B 83 -27.90 2.15 25.22
N GLY B 84 -27.41 3.18 24.55
CA GLY B 84 -26.76 3.00 23.28
C GLY B 84 -25.42 2.29 23.42
N LEU B 85 -25.01 1.67 22.33
CA LEU B 85 -23.76 0.91 22.32
C LEU B 85 -22.59 1.84 22.56
N LYS B 86 -21.72 1.44 23.48
CA LYS B 86 -20.52 2.22 23.77
C LYS B 86 -19.41 1.88 22.80
N HIS B 87 -18.45 2.79 22.71
CA HIS B 87 -17.25 2.59 21.89
C HIS B 87 -17.61 2.14 20.47
N CYS B 88 -18.56 2.83 19.86
CA CYS B 88 -19.15 2.40 18.60
C CYS B 88 -18.79 3.33 17.47
N ILE B 89 -18.36 2.74 16.36
CA ILE B 89 -17.95 3.44 15.15
C ILE B 89 -18.95 3.05 14.07
N ARG B 90 -19.53 4.05 13.39
CA ARG B 90 -20.52 3.82 12.36
C ARG B 90 -20.10 4.49 11.06
N VAL B 91 -20.26 3.79 9.95
CA VAL B 91 -19.89 4.28 8.63
C VAL B 91 -21.14 4.48 7.79
N LEU B 92 -21.14 5.53 6.96
CA LEU B 92 -22.13 5.73 5.91
C LEU B 92 -21.36 6.14 4.66
N MET B 93 -21.21 5.19 3.75
CA MET B 93 -20.47 5.36 2.50
C MET B 93 -21.46 5.53 1.36
N THR B 94 -21.28 6.57 0.54
CA THR B 94 -22.19 6.85 -0.57
C THR B 94 -21.50 6.42 -1.87
N VAL B 95 -22.12 5.49 -2.59
N VAL B 95 -22.12 5.50 -2.62
CA VAL B 95 -21.49 4.90 -3.77
CA VAL B 95 -21.50 4.81 -3.75
C VAL B 95 -22.41 4.99 -4.98
C VAL B 95 -22.39 4.84 -4.98
N GLN B 96 -21.77 5.05 -6.15
CA GLN B 96 -22.46 4.91 -7.43
C GLN B 96 -22.68 3.42 -7.67
N THR B 97 -23.94 2.98 -7.73
CA THR B 97 -24.26 1.59 -7.99
C THR B 97 -25.71 1.47 -8.41
N ASP B 98 -25.97 0.55 -9.34
CA ASP B 98 -27.33 0.19 -9.73
C ASP B 98 -27.86 -1.01 -8.93
N THR B 99 -27.12 -1.51 -7.95
CA THR B 99 -27.65 -2.57 -7.09
C THR B 99 -28.95 -2.13 -6.44
N LYS B 100 -29.92 -3.03 -6.43
CA LYS B 100 -31.22 -2.71 -5.85
C LYS B 100 -31.08 -2.37 -4.37
N GLN B 101 -31.94 -1.48 -3.89
CA GLN B 101 -31.83 -1.02 -2.51
C GLN B 101 -31.79 -2.18 -1.52
N GLU B 102 -32.65 -3.17 -1.68
CA GLU B 102 -32.73 -4.27 -0.72
C GLU B 102 -31.53 -5.22 -0.81
N ASP B 103 -30.70 -5.11 -1.86
CA ASP B 103 -29.56 -5.99 -2.06
C ASP B 103 -28.23 -5.37 -1.59
N VAL B 104 -28.21 -4.08 -1.28
CA VAL B 104 -27.02 -3.45 -0.72
C VAL B 104 -26.74 -4.14 0.60
N GLN B 105 -25.48 -4.47 0.84
N GLN B 105 -25.47 -4.48 0.82
CA GLN B 105 -25.11 -5.24 2.03
CA GLN B 105 -25.05 -5.23 2.00
C GLN B 105 -24.47 -4.36 3.08
C GLN B 105 -24.49 -4.26 3.03
N HIS B 106 -25.27 -4.00 4.08
CA HIS B 106 -24.79 -3.25 5.23
C HIS B 106 -24.13 -4.23 6.18
N VAL B 107 -23.20 -3.76 7.01
CA VAL B 107 -22.30 -4.64 7.74
C VAL B 107 -22.24 -4.25 9.20
N TYR B 108 -22.46 -5.22 10.08
CA TYR B 108 -22.46 -5.01 11.53
C TYR B 108 -21.53 -6.04 12.16
N LEU B 109 -20.48 -5.56 12.84
CA LEU B 109 -19.42 -6.39 13.36
C LEU B 109 -19.27 -6.15 14.86
N GLU B 110 -18.55 -7.05 15.50
CA GLU B 110 -18.16 -6.91 16.91
C GLU B 110 -19.45 -6.80 17.74
N GLU B 111 -19.52 -5.91 18.72
CA GLU B 111 -20.74 -5.86 19.51
C GLU B 111 -21.89 -5.20 18.77
N ALA B 112 -21.62 -4.59 17.62
CA ALA B 112 -22.66 -3.95 16.86
C ALA B 112 -23.52 -4.94 16.10
N VAL B 113 -23.23 -6.24 16.18
CA VAL B 113 -24.17 -7.22 15.65
C VAL B 113 -25.55 -7.04 16.25
N THR B 114 -25.62 -6.47 17.46
CA THR B 114 -26.91 -6.21 18.09
C THR B 114 -27.72 -5.13 17.38
N LEU B 115 -27.08 -4.33 16.53
CA LEU B 115 -27.76 -3.24 15.84
C LEU B 115 -28.34 -3.65 14.51
N ARG B 116 -28.01 -4.82 14.00
CA ARG B 116 -28.53 -5.19 12.70
C ARG B 116 -30.04 -5.35 12.77
N PRO B 117 -30.78 -4.82 11.79
CA PRO B 117 -32.21 -5.09 11.67
C PRO B 117 -32.48 -6.50 11.18
N MET C 1 -23.85 11.03 -14.92
N MET C 1 -23.81 10.72 -14.98
CA MET C 1 -23.16 12.15 -14.21
CA MET C 1 -23.05 11.81 -14.32
C MET C 1 -22.75 11.64 -12.83
C MET C 1 -22.60 11.36 -12.93
N MET C 2 -21.52 11.95 -12.44
CA MET C 2 -20.92 11.53 -11.18
C MET C 2 -21.17 12.61 -10.13
N PHE C 3 -20.99 12.21 -8.87
CA PHE C 3 -21.08 13.09 -7.71
C PHE C 3 -19.83 12.90 -6.88
N ARG C 4 -19.31 13.99 -6.32
CA ARG C 4 -18.06 13.97 -5.59
C ARG C 4 -18.16 14.87 -4.37
N GLY C 5 -17.64 14.39 -3.24
CA GLY C 5 -17.46 15.27 -2.10
C GLY C 5 -16.23 16.14 -2.29
N ILE C 6 -16.34 17.39 -1.87
CA ILE C 6 -15.23 18.32 -1.82
C ILE C 6 -15.05 18.73 -0.38
N ARG C 7 -13.85 18.51 0.15
N ARG C 7 -13.85 18.53 0.15
CA ARG C 7 -13.55 18.81 1.54
CA ARG C 7 -13.57 18.81 1.55
C ARG C 7 -12.82 20.14 1.68
C ARG C 7 -12.79 20.12 1.71
N GLY C 8 -13.00 20.75 2.85
CA GLY C 8 -12.20 21.89 3.24
C GLY C 8 -12.02 21.86 4.74
N ALA C 9 -10.99 22.59 5.18
CA ALA C 9 -10.81 22.79 6.61
C ALA C 9 -10.11 24.12 6.83
N THR C 10 -10.44 24.75 7.95
CA THR C 10 -9.82 25.99 8.36
C THR C 10 -9.89 26.08 9.88
N THR C 11 -9.32 27.15 10.43
CA THR C 11 -9.34 27.36 11.87
C THR C 11 -9.70 28.81 12.19
N VAL C 12 -10.15 29.00 13.42
CA VAL C 12 -10.45 30.32 13.97
C VAL C 12 -9.51 30.62 15.11
N THR C 13 -9.21 31.90 15.29
CA THR C 13 -8.35 32.31 16.39
C THR C 13 -9.09 32.49 17.70
N GLU C 14 -10.41 32.61 17.66
CA GLU C 14 -11.25 32.90 18.81
C GLU C 14 -12.66 32.44 18.42
N ASP C 15 -13.47 32.10 19.42
CA ASP C 15 -14.84 31.68 19.18
C ASP C 15 -15.75 32.89 19.31
N THR C 16 -15.78 33.68 18.23
CA THR C 16 -16.68 34.82 18.14
C THR C 16 -17.38 34.75 16.79
N GLU C 17 -18.58 35.32 16.71
CA GLU C 17 -19.41 35.13 15.53
C GLU C 17 -18.72 35.63 14.26
N THR C 18 -18.24 36.88 14.26
CA THR C 18 -17.72 37.41 13.01
C THR C 18 -16.45 36.67 12.56
N GLU C 19 -15.62 36.22 13.50
CA GLU C 19 -14.46 35.39 13.14
C GLU C 19 -14.88 34.05 12.54
N VAL C 20 -15.83 33.37 13.19
CA VAL C 20 -16.30 32.08 12.68
C VAL C 20 -16.90 32.25 11.29
N LEU C 21 -17.72 33.28 11.11
CA LEU C 21 -18.38 33.47 9.83
C LEU C 21 -17.38 33.86 8.75
N ASN C 22 -16.46 34.76 9.06
CA ASN C 22 -15.51 35.18 8.03
C ASN C 22 -14.59 34.05 7.62
N LYS C 23 -14.12 33.24 8.58
CA LYS C 23 -13.25 32.12 8.24
C LYS C 23 -14.03 31.08 7.43
N THR C 24 -15.28 30.83 7.80
CA THR C 24 -16.07 29.86 7.05
C THR C 24 -16.33 30.38 5.64
N LYS C 25 -16.68 31.67 5.53
CA LYS C 25 -16.87 32.28 4.21
C LYS C 25 -15.62 32.17 3.35
N GLN C 26 -14.46 32.43 3.94
CA GLN C 26 -13.21 32.38 3.18
C GLN C 26 -12.95 30.95 2.69
N LEU C 27 -13.22 29.96 3.53
CA LEU C 27 -13.03 28.57 3.12
C LEU C 27 -14.01 28.20 1.99
N LEU C 28 -15.29 28.55 2.15
CA LEU C 28 -16.27 28.27 1.10
C LEU C 28 -15.90 28.96 -0.19
N GLU C 29 -15.48 30.24 -0.11
CA GLU C 29 -15.09 30.97 -1.32
C GLU C 29 -13.98 30.26 -2.08
N ALA C 30 -12.98 29.75 -1.35
CA ALA C 30 -11.87 29.05 -1.99
C ALA C 30 -12.31 27.74 -2.61
N ILE C 31 -13.13 26.96 -1.92
CA ILE C 31 -13.68 25.75 -2.50
C ILE C 31 -14.42 26.06 -3.79
N ILE C 32 -15.28 27.07 -3.75
CA ILE C 32 -16.12 27.42 -4.90
C ILE C 32 -15.27 27.90 -6.06
N SER C 33 -14.30 28.78 -5.79
N SER C 33 -14.27 28.74 -5.80
CA SER C 33 -13.48 29.33 -6.86
CA SER C 33 -13.50 29.33 -6.89
C SER C 33 -12.60 28.24 -7.49
C SER C 33 -12.50 28.33 -7.48
N ARG C 34 -11.90 27.48 -6.65
CA ARG C 34 -10.92 26.55 -7.16
C ARG C 34 -11.56 25.40 -7.93
N ASN C 35 -12.78 25.03 -7.56
CA ASN C 35 -13.49 23.96 -8.23
C ASN C 35 -14.56 24.48 -9.17
N GLU C 36 -14.65 25.80 -9.35
CA GLU C 36 -15.63 26.42 -10.26
C GLU C 36 -17.02 25.84 -10.05
N VAL C 37 -17.49 25.89 -8.81
CA VAL C 37 -18.72 25.21 -8.42
C VAL C 37 -19.93 26.09 -8.70
N ASP C 38 -20.84 25.58 -9.52
CA ASP C 38 -22.14 26.20 -9.74
C ASP C 38 -23.06 25.75 -8.62
N PRO C 39 -23.66 26.67 -7.86
CA PRO C 39 -24.52 26.25 -6.73
C PRO C 39 -25.61 25.27 -7.12
N GLU C 40 -26.13 25.37 -8.36
CA GLU C 40 -27.24 24.53 -8.77
C GLU C 40 -26.84 23.06 -8.84
N ARG C 41 -25.56 22.76 -8.95
CA ARG C 41 -25.03 21.41 -8.97
C ARG C 41 -24.73 20.85 -7.58
N VAL C 42 -24.92 21.62 -6.51
CA VAL C 42 -24.58 21.17 -5.18
C VAL C 42 -25.78 20.48 -4.53
N VAL C 43 -25.63 19.21 -4.22
CA VAL C 43 -26.68 18.42 -3.61
C VAL C 43 -26.96 18.88 -2.19
N GLN C 44 -25.91 19.06 -1.40
CA GLN C 44 -25.97 19.42 0.00
C GLN C 44 -24.57 19.69 0.52
N ILE C 45 -24.53 20.33 1.68
CA ILE C 45 -23.29 20.66 2.37
C ILE C 45 -23.43 20.28 3.83
N LEU C 46 -22.39 19.68 4.39
CA LEU C 46 -22.21 19.53 5.82
C LEU C 46 -21.05 20.38 6.29
N ILE C 47 -21.20 21.03 7.43
CA ILE C 47 -20.10 21.76 8.06
C ILE C 47 -19.98 21.30 9.51
N SER C 48 -18.82 20.81 9.87
CA SER C 48 -18.57 20.45 11.26
C SER C 48 -17.69 21.48 11.94
N ALA C 49 -17.81 21.54 13.25
CA ALA C 49 -16.93 22.33 14.08
C ALA C 49 -16.54 21.50 15.30
N THR C 50 -15.31 21.75 15.76
CA THR C 50 -14.87 21.17 17.03
C THR C 50 -15.71 21.74 18.18
N GLN C 51 -15.64 21.04 19.30
CA GLN C 51 -16.52 21.25 20.45
C GLN C 51 -16.16 22.49 21.26
N ASP C 52 -15.23 23.28 20.76
CA ASP C 52 -14.82 24.55 21.35
C ASP C 52 -15.38 25.76 20.59
N ILE C 53 -16.36 25.54 19.71
CA ILE C 53 -16.99 26.60 18.93
C ILE C 53 -18.48 26.63 19.26
N HIS C 54 -18.92 27.73 19.86
CA HIS C 54 -20.29 27.87 20.32
C HIS C 54 -20.91 29.20 19.91
N SER C 55 -20.18 30.06 19.22
CA SER C 55 -20.68 31.42 19.04
C SER C 55 -21.76 31.53 17.97
N VAL C 56 -21.71 30.68 16.93
CA VAL C 56 -22.63 30.80 15.79
C VAL C 56 -22.56 29.50 14.98
N PHE C 57 -23.63 29.13 14.31
CA PHE C 57 -23.56 28.04 13.34
C PHE C 57 -22.73 28.49 12.14
N PRO C 58 -21.65 27.77 11.78
CA PRO C 58 -20.87 28.17 10.59
C PRO C 58 -21.71 28.24 9.33
N ALA C 59 -22.78 27.45 9.25
CA ALA C 59 -23.65 27.42 8.08
C ALA C 59 -24.25 28.78 7.76
N LYS C 60 -24.36 29.67 8.76
CA LYS C 60 -24.91 31.00 8.51
C LYS C 60 -24.07 31.77 7.50
N ALA C 61 -22.80 31.42 7.34
CA ALA C 61 -21.96 32.09 6.37
C ALA C 61 -22.46 31.91 4.93
N LEU C 62 -23.16 30.80 4.64
N LEU C 62 -23.15 30.80 4.63
CA LEU C 62 -23.63 30.57 3.28
CA LEU C 62 -23.62 30.59 3.27
C LEU C 62 -24.65 31.61 2.84
C LEU C 62 -24.62 31.64 2.83
N ARG C 63 -25.30 32.29 3.78
CA ARG C 63 -26.24 33.34 3.41
C ARG C 63 -25.54 34.50 2.71
N GLN C 64 -24.22 34.59 2.81
CA GLN C 64 -23.46 35.67 2.20
C GLN C 64 -23.16 35.41 0.73
N PHE C 65 -23.57 34.27 0.18
CA PHE C 65 -23.22 33.88 -1.18
C PHE C 65 -24.42 34.03 -2.10
N GLU C 66 -24.39 35.05 -2.95
CA GLU C 66 -25.43 35.22 -3.95
C GLU C 66 -25.53 33.97 -4.81
N GLY C 67 -26.76 33.49 -5.00
CA GLY C 67 -27.00 32.32 -5.82
C GLY C 67 -27.03 31.01 -5.05
N TRP C 68 -26.66 31.02 -3.77
CA TRP C 68 -26.53 29.82 -2.96
C TRP C 68 -27.69 29.62 -1.98
N THR C 69 -28.76 30.40 -2.11
CA THR C 69 -29.78 30.39 -1.07
C THR C 69 -30.58 29.09 -1.04
N TYR C 70 -30.53 28.29 -2.10
CA TYR C 70 -31.29 27.05 -2.20
C TYR C 70 -30.42 25.82 -1.96
N VAL C 71 -29.15 26.00 -1.60
CA VAL C 71 -28.27 24.87 -1.32
C VAL C 71 -28.49 24.43 0.12
N PRO C 72 -28.91 23.18 0.36
CA PRO C 72 -29.15 22.76 1.74
C PRO C 72 -27.83 22.56 2.46
N VAL C 73 -27.78 23.02 3.71
CA VAL C 73 -26.59 22.94 4.52
C VAL C 73 -27.01 22.68 5.96
N THR C 74 -26.23 21.89 6.67
CA THR C 74 -26.46 21.65 8.10
C THR C 74 -25.14 21.33 8.75
N CYS C 75 -25.13 21.40 10.07
CA CYS C 75 -23.90 21.28 10.84
C CYS C 75 -23.89 20.05 11.72
N MET C 76 -22.71 19.80 12.28
N MET C 76 -22.72 19.73 12.24
CA MET C 76 -22.50 18.63 13.13
CA MET C 76 -22.61 18.70 13.26
C MET C 76 -21.23 18.82 13.95
C MET C 76 -21.33 18.94 14.04
N GLN C 77 -21.22 18.26 15.16
CA GLN C 77 -20.04 18.33 16.01
C GLN C 77 -18.99 17.35 15.54
N GLU C 78 -17.77 17.83 15.38
CA GLU C 78 -16.62 16.99 15.11
C GLU C 78 -16.20 16.26 16.37
N LEU C 79 -15.60 15.09 16.20
CA LEU C 79 -14.99 14.36 17.29
C LEU C 79 -13.93 15.23 18.00
N ASP C 80 -13.70 14.91 19.26
CA ASP C 80 -12.70 15.57 20.09
C ASP C 80 -11.51 14.62 20.24
N ILE C 81 -10.55 14.74 19.31
CA ILE C 81 -9.43 13.81 19.20
C ILE C 81 -8.20 14.41 19.88
N HIS C 82 -7.58 13.62 20.74
CA HIS C 82 -6.36 14.04 21.40
C HIS C 82 -5.28 14.18 20.35
N GLY C 83 -4.68 15.37 20.27
CA GLY C 83 -3.79 15.70 19.16
C GLY C 83 -4.49 16.25 17.94
N GLY C 84 -5.82 16.31 17.92
CA GLY C 84 -6.52 16.94 16.83
C GLY C 84 -6.45 18.45 16.92
N LEU C 85 -6.70 19.06 15.79
CA LEU C 85 -6.62 20.50 15.67
C LEU C 85 -7.77 21.15 16.42
N LYS C 86 -7.47 22.13 17.27
CA LYS C 86 -8.51 22.85 17.98
C LYS C 86 -9.08 23.97 17.10
N HIS C 87 -10.29 24.42 17.46
CA HIS C 87 -10.90 25.56 16.79
C HIS C 87 -10.99 25.36 15.28
N CYS C 88 -11.47 24.19 14.86
CA CYS C 88 -11.39 23.78 13.47
C CYS C 88 -12.78 23.58 12.89
N ILE C 89 -12.97 24.15 11.70
CA ILE C 89 -14.20 24.07 10.93
C ILE C 89 -13.89 23.29 9.66
N ARG C 90 -14.72 22.28 9.37
CA ARG C 90 -14.53 21.41 8.22
C ARG C 90 -15.81 21.40 7.38
N VAL C 91 -15.63 21.42 6.08
CA VAL C 91 -16.71 21.40 5.09
C VAL C 91 -16.66 20.11 4.30
N LEU C 92 -17.84 19.56 4.01
CA LEU C 92 -18.00 18.47 3.03
C LEU C 92 -19.14 18.92 2.10
N MET C 93 -18.79 19.33 0.89
CA MET C 93 -19.76 19.80 -0.09
C MET C 93 -19.94 18.69 -1.12
N THR C 94 -21.17 18.22 -1.30
CA THR C 94 -21.45 17.13 -2.24
C THR C 94 -21.92 17.75 -3.54
N VAL C 95 -21.11 17.61 -4.60
CA VAL C 95 -21.31 18.30 -5.86
C VAL C 95 -21.54 17.28 -6.97
N GLN C 96 -22.51 17.56 -7.85
CA GLN C 96 -22.57 16.84 -9.11
C GLN C 96 -21.44 17.33 -10.01
N THR C 97 -20.43 16.49 -10.21
CA THR C 97 -19.30 16.83 -11.04
C THR C 97 -18.67 15.54 -11.55
N ASP C 98 -18.31 15.53 -12.82
CA ASP C 98 -17.62 14.42 -13.44
C ASP C 98 -16.11 14.49 -13.25
N THR C 99 -15.60 15.55 -12.60
CA THR C 99 -14.18 15.65 -12.33
C THR C 99 -13.67 14.37 -11.69
N LYS C 100 -12.49 13.92 -12.14
CA LYS C 100 -11.88 12.73 -11.58
C LYS C 100 -11.60 12.93 -10.11
N GLN C 101 -11.66 11.83 -9.37
CA GLN C 101 -11.50 11.92 -7.93
C GLN C 101 -10.19 12.57 -7.55
N GLU C 102 -9.10 12.21 -8.22
CA GLU C 102 -7.77 12.76 -7.93
C GLU C 102 -7.62 14.22 -8.37
N ASP C 103 -8.55 14.76 -9.14
CA ASP C 103 -8.46 16.14 -9.62
C ASP C 103 -9.29 17.12 -8.78
N VAL C 104 -10.16 16.64 -7.89
CA VAL C 104 -10.94 17.54 -7.05
C VAL C 104 -9.98 18.34 -6.18
N GLN C 105 -10.26 19.63 -6.05
N GLN C 105 -10.24 19.63 -6.03
CA GLN C 105 -9.42 20.55 -5.27
CA GLN C 105 -9.36 20.52 -5.27
C GLN C 105 -10.01 20.70 -3.87
C GLN C 105 -9.92 20.76 -3.86
N HIS C 106 -9.49 19.91 -2.93
CA HIS C 106 -9.83 20.08 -1.53
C HIS C 106 -8.98 21.19 -0.94
N VAL C 107 -9.54 21.94 0.01
CA VAL C 107 -8.97 23.22 0.42
C VAL C 107 -8.67 23.20 1.91
N TYR C 108 -7.42 23.49 2.25
CA TYR C 108 -6.96 23.49 3.63
C TYR C 108 -6.28 24.83 3.89
N LEU C 109 -6.82 25.60 4.83
CA LEU C 109 -6.40 26.96 5.11
C LEU C 109 -6.02 27.14 6.58
N GLU C 110 -5.39 28.30 6.84
CA GLU C 110 -5.06 28.74 8.19
C GLU C 110 -4.24 27.64 8.88
N GLU C 111 -4.54 27.27 10.11
CA GLU C 111 -3.77 26.26 10.80
C GLU C 111 -4.08 24.84 10.35
N ALA C 112 -4.99 24.67 9.40
CA ALA C 112 -5.39 23.34 8.93
C ALA C 112 -4.61 22.90 7.69
N VAL C 113 -3.59 23.67 7.26
CA VAL C 113 -2.92 23.36 5.99
C VAL C 113 -2.32 21.96 5.95
N THR C 114 -1.85 21.42 7.07
CA THR C 114 -1.26 20.09 7.03
C THR C 114 -2.29 18.96 7.03
N LEU C 115 -3.57 19.26 7.11
CA LEU C 115 -4.57 18.18 7.14
C LEU C 115 -4.90 17.63 5.75
N ARG C 116 -4.27 18.11 4.68
CA ARG C 116 -4.67 17.66 3.34
C ARG C 116 -4.41 16.15 3.22
N PRO C 117 -5.27 15.43 2.48
CA PRO C 117 -5.18 13.96 2.48
C PRO C 117 -3.83 13.38 2.12
N ASP C 118 -3.24 13.78 1.01
CA ASP C 118 -1.98 13.14 0.58
C ASP C 118 -0.81 13.45 1.54
N LEU C 119 -1.03 14.13 2.66
CA LEU C 119 -0.04 14.19 3.73
C LEU C 119 -0.47 13.25 4.86
N MET D 1 22.00 -19.72 -27.71
N MET D 1 22.35 -19.66 -27.60
CA MET D 1 20.58 -19.80 -27.24
CA MET D 1 20.90 -19.67 -27.26
C MET D 1 20.28 -18.67 -26.24
C MET D 1 20.55 -18.57 -26.27
N MET D 2 19.96 -17.49 -26.78
CA MET D 2 19.73 -16.28 -25.99
C MET D 2 18.24 -16.13 -25.67
N PHE D 3 17.94 -15.28 -24.68
CA PHE D 3 16.58 -15.00 -24.24
C PHE D 3 16.35 -13.49 -24.22
N ARG D 4 15.11 -13.10 -24.51
CA ARG D 4 14.74 -11.69 -24.52
C ARG D 4 13.36 -11.52 -23.90
N GLY D 5 13.19 -10.44 -23.14
CA GLY D 5 11.88 -10.03 -22.73
C GLY D 5 11.19 -9.27 -23.86
N ILE D 6 9.89 -9.55 -24.02
CA ILE D 6 9.06 -8.86 -25.01
C ILE D 6 7.92 -8.23 -24.23
N ARG D 7 7.76 -6.91 -24.37
CA ARG D 7 6.73 -6.18 -23.66
C ARG D 7 5.54 -5.87 -24.57
N GLY D 8 4.37 -5.84 -23.94
CA GLY D 8 3.19 -5.30 -24.57
C GLY D 8 2.37 -4.55 -23.56
N ALA D 9 1.57 -3.61 -24.06
CA ALA D 9 0.64 -2.89 -23.20
C ALA D 9 -0.61 -2.58 -24.00
N THR D 10 -1.75 -2.63 -23.33
CA THR D 10 -3.02 -2.28 -23.92
C THR D 10 -3.92 -1.71 -22.83
N THR D 11 -5.12 -1.31 -23.23
CA THR D 11 -6.09 -0.80 -22.28
C THR D 11 -7.45 -1.40 -22.60
N VAL D 12 -8.33 -1.35 -21.59
CA VAL D 12 -9.71 -1.79 -21.71
C VAL D 12 -10.61 -0.58 -21.55
N THR D 13 -11.75 -0.60 -22.24
CA THR D 13 -12.73 0.46 -22.09
C THR D 13 -13.64 0.24 -20.89
N GLU D 14 -13.65 -0.95 -20.30
CA GLU D 14 -14.51 -1.26 -19.17
C GLU D 14 -13.93 -2.49 -18.49
N ASP D 15 -14.19 -2.62 -17.19
CA ASP D 15 -13.71 -3.80 -16.45
C ASP D 15 -14.77 -4.89 -16.45
N THR D 16 -14.85 -5.58 -17.58
CA THR D 16 -15.72 -6.74 -17.72
C THR D 16 -14.88 -7.90 -18.27
N GLU D 17 -15.31 -9.13 -17.97
CA GLU D 17 -14.52 -10.28 -18.39
C GLU D 17 -14.35 -10.30 -19.91
N THR D 18 -15.42 -10.05 -20.65
CA THR D 18 -15.34 -10.11 -22.11
C THR D 18 -14.33 -9.11 -22.65
N GLU D 19 -14.40 -7.87 -22.16
CA GLU D 19 -13.49 -6.84 -22.66
C GLU D 19 -12.05 -7.11 -22.24
N VAL D 20 -11.83 -7.51 -20.99
CA VAL D 20 -10.47 -7.78 -20.52
C VAL D 20 -9.88 -8.94 -21.31
N LEU D 21 -10.63 -10.03 -21.49
CA LEU D 21 -10.10 -11.16 -22.23
C LEU D 21 -9.88 -10.81 -23.69
N ASN D 22 -10.81 -10.09 -24.30
CA ASN D 22 -10.66 -9.73 -25.71
C ASN D 22 -9.41 -8.87 -25.93
N LYS D 23 -9.22 -7.87 -25.07
CA LYS D 23 -8.08 -6.97 -25.24
C LYS D 23 -6.77 -7.66 -24.92
N THR D 24 -6.77 -8.54 -23.90
CA THR D 24 -5.54 -9.28 -23.59
C THR D 24 -5.21 -10.24 -24.72
N LYS D 25 -6.22 -10.91 -25.25
CA LYS D 25 -6.01 -11.80 -26.39
C LYS D 25 -5.43 -11.04 -27.57
N GLN D 26 -6.02 -9.88 -27.89
CA GLN D 26 -5.54 -9.08 -29.01
C GLN D 26 -4.09 -8.65 -28.79
N LEU D 27 -3.74 -8.29 -27.56
CA LEU D 27 -2.36 -7.88 -27.29
C LEU D 27 -1.42 -9.06 -27.45
N LEU D 28 -1.79 -10.21 -26.88
CA LEU D 28 -0.98 -11.41 -27.02
C LEU D 28 -0.82 -11.80 -28.49
N GLU D 29 -1.92 -11.77 -29.25
CA GLU D 29 -1.86 -12.07 -30.67
C GLU D 29 -0.83 -11.20 -31.39
N ALA D 30 -0.79 -9.91 -31.05
CA ALA D 30 0.15 -8.99 -31.71
C ALA D 30 1.59 -9.28 -31.31
N ILE D 31 1.84 -9.53 -30.02
CA ILE D 31 3.19 -9.91 -29.60
C ILE D 31 3.64 -11.16 -30.33
N ILE D 32 2.77 -12.16 -30.38
CA ILE D 32 3.12 -13.47 -30.94
C ILE D 32 3.35 -13.35 -32.45
N SER D 33 2.45 -12.65 -33.16
CA SER D 33 2.57 -12.51 -34.60
C SER D 33 3.79 -11.69 -34.98
N ARG D 34 4.03 -10.57 -34.31
CA ARG D 34 5.09 -9.67 -34.73
C ARG D 34 6.48 -10.20 -34.39
N ASN D 35 6.58 -11.07 -33.39
CA ASN D 35 7.85 -11.66 -33.00
C ASN D 35 7.95 -13.12 -33.38
N GLU D 36 6.97 -13.65 -34.13
CA GLU D 36 6.98 -15.02 -34.60
C GLU D 36 7.25 -16.00 -33.45
N VAL D 37 6.47 -15.89 -32.37
CA VAL D 37 6.77 -16.60 -31.13
C VAL D 37 6.17 -18.01 -31.15
N ASP D 38 7.05 -19.01 -31.03
CA ASP D 38 6.64 -20.39 -30.83
C ASP D 38 6.41 -20.61 -29.34
N PRO D 39 5.23 -21.08 -28.91
CA PRO D 39 4.98 -21.26 -27.47
C PRO D 39 6.03 -22.12 -26.79
N GLU D 40 6.58 -23.12 -27.49
CA GLU D 40 7.56 -24.01 -26.89
C GLU D 40 8.84 -23.28 -26.51
N ARG D 41 9.09 -22.13 -27.10
CA ARG D 41 10.27 -21.32 -26.82
C ARG D 41 10.03 -20.28 -25.73
N VAL D 42 8.83 -20.22 -25.15
CA VAL D 42 8.49 -19.22 -24.14
C VAL D 42 8.82 -19.79 -22.77
N VAL D 43 9.74 -19.12 -22.07
CA VAL D 43 10.14 -19.54 -20.73
C VAL D 43 9.01 -19.34 -19.74
N GLN D 44 8.41 -18.14 -19.76
CA GLN D 44 7.36 -17.76 -18.83
C GLN D 44 6.79 -16.42 -19.28
N ILE D 45 5.61 -16.11 -18.73
CA ILE D 45 4.94 -14.84 -19.00
C ILE D 45 4.51 -14.22 -17.68
N LEU D 46 4.72 -12.91 -17.53
CA LEU D 46 4.11 -12.12 -16.47
C LEU D 46 3.10 -11.17 -17.09
N ILE D 47 1.96 -10.98 -16.41
CA ILE D 47 0.97 -10.02 -16.86
C ILE D 47 0.59 -9.16 -15.67
N SER D 48 0.75 -7.85 -15.81
CA SER D 48 0.29 -6.93 -14.78
C SER D 48 -1.01 -6.26 -15.20
N ALA D 49 -1.76 -5.82 -14.20
CA ALA D 49 -2.95 -5.03 -14.45
C ALA D 49 -3.01 -3.94 -13.40
N THR D 50 -3.47 -2.76 -13.81
CA THR D 50 -3.75 -1.69 -12.85
C THR D 50 -4.84 -2.14 -11.88
N GLN D 51 -4.86 -1.50 -10.72
CA GLN D 51 -5.68 -1.97 -9.61
C GLN D 51 -7.17 -1.61 -9.77
N ASP D 52 -7.58 -1.14 -10.95
CA ASP D 52 -8.96 -0.93 -11.34
C ASP D 52 -9.53 -2.06 -12.20
N ILE D 53 -8.86 -3.20 -12.27
CA ILE D 53 -9.33 -4.34 -13.05
C ILE D 53 -9.52 -5.51 -12.09
N HIS D 54 -10.77 -5.97 -11.95
CA HIS D 54 -11.11 -7.03 -11.01
C HIS D 54 -11.96 -8.14 -11.61
N SER D 55 -12.36 -8.03 -12.87
CA SER D 55 -13.38 -8.93 -13.39
C SER D 55 -12.85 -10.32 -13.69
N VAL D 56 -11.58 -10.45 -14.06
CA VAL D 56 -11.01 -11.73 -14.47
C VAL D 56 -9.49 -11.58 -14.46
N PHE D 57 -8.78 -12.68 -14.22
CA PHE D 57 -7.33 -12.69 -14.45
C PHE D 57 -7.05 -12.56 -15.95
N PRO D 58 -6.28 -11.57 -16.40
CA PRO D 58 -5.98 -11.47 -17.84
C PRO D 58 -5.34 -12.72 -18.40
N ALA D 59 -4.59 -13.44 -17.57
CA ALA D 59 -3.93 -14.67 -18.02
C ALA D 59 -4.90 -15.71 -18.54
N LYS D 60 -6.18 -15.65 -18.14
CA LYS D 60 -7.16 -16.60 -18.66
C LYS D 60 -7.27 -16.55 -20.17
N ALA D 61 -6.92 -15.43 -20.79
CA ALA D 61 -7.00 -15.33 -22.25
C ALA D 61 -6.09 -16.32 -22.94
N LEU D 62 -5.02 -16.77 -22.28
CA LEU D 62 -4.12 -17.72 -22.90
C LEU D 62 -4.76 -19.06 -23.17
N ARG D 63 -5.84 -19.39 -22.48
CA ARG D 63 -6.52 -20.65 -22.72
C ARG D 63 -7.09 -20.74 -24.12
N GLN D 64 -7.22 -19.62 -24.82
CA GLN D 64 -7.76 -19.60 -26.17
C GLN D 64 -6.69 -19.83 -27.24
N PHE D 65 -5.43 -19.97 -26.85
CA PHE D 65 -4.32 -20.06 -27.78
C PHE D 65 -3.87 -21.52 -27.90
N GLU D 66 -4.21 -22.14 -29.03
CA GLU D 66 -3.80 -23.53 -29.24
C GLU D 66 -2.28 -23.61 -29.18
N GLY D 67 -1.77 -24.61 -28.47
CA GLY D 67 -0.35 -24.82 -28.36
C GLY D 67 0.30 -24.13 -27.19
N TRP D 68 -0.43 -23.29 -26.45
CA TRP D 68 0.12 -22.49 -25.36
C TRP D 68 -0.24 -23.04 -23.99
N THR D 69 -0.76 -24.27 -23.93
CA THR D 69 -1.27 -24.82 -22.69
C THR D 69 -0.22 -24.96 -21.61
N TYR D 70 1.04 -25.17 -22.00
CA TYR D 70 2.13 -25.46 -21.07
C TYR D 70 3.06 -24.29 -20.86
N VAL D 71 2.69 -23.11 -21.35
CA VAL D 71 3.46 -21.90 -21.09
C VAL D 71 3.14 -21.35 -19.71
N PRO D 72 4.11 -21.26 -18.81
CA PRO D 72 3.79 -20.75 -17.46
C PRO D 72 3.51 -19.27 -17.48
N VAL D 73 2.48 -18.89 -16.74
CA VAL D 73 2.06 -17.48 -16.67
C VAL D 73 1.57 -17.19 -15.27
N THR D 74 1.85 -15.98 -14.79
CA THR D 74 1.22 -15.53 -13.53
C THR D 74 1.09 -14.00 -13.62
N CYS D 75 0.26 -13.45 -12.75
CA CYS D 75 -0.09 -12.04 -12.82
C CYS D 75 0.45 -11.28 -11.61
N MET D 76 0.37 -9.95 -11.68
N MET D 76 0.30 -9.96 -11.64
CA MET D 76 0.88 -9.09 -10.62
CA MET D 76 0.64 -9.16 -10.46
C MET D 76 0.22 -7.73 -10.73
C MET D 76 0.01 -7.79 -10.61
N GLN D 77 0.02 -7.09 -9.58
N GLN D 77 -0.01 -7.05 -9.50
CA GLN D 77 -0.56 -5.76 -9.58
CA GLN D 77 -0.54 -5.69 -9.49
C GLN D 77 0.45 -4.73 -10.03
C GLN D 77 0.49 -4.73 -10.07
N GLU D 78 0.07 -3.92 -11.02
CA GLU D 78 0.87 -2.78 -11.45
C GLU D 78 0.81 -1.69 -10.37
N LEU D 79 1.86 -0.88 -10.34
CA LEU D 79 1.89 0.26 -9.42
C LEU D 79 0.72 1.19 -9.70
N ASP D 80 0.26 1.85 -8.64
CA ASP D 80 -0.72 2.93 -8.73
C ASP D 80 0.04 4.24 -8.75
N ILE D 81 0.27 4.79 -9.94
CA ILE D 81 1.05 6.00 -10.13
C ILE D 81 0.10 7.14 -10.44
N HIS D 82 0.30 8.27 -9.78
CA HIS D 82 -0.51 9.45 -10.06
C HIS D 82 -0.27 9.87 -11.49
N GLY D 83 -1.32 9.89 -12.29
CA GLY D 83 -1.20 10.19 -13.70
C GLY D 83 -0.92 8.98 -14.57
N GLY D 84 -0.79 7.80 -13.97
CA GLY D 84 -0.58 6.60 -14.75
C GLY D 84 -1.79 6.23 -15.58
N LEU D 85 -1.53 5.50 -16.67
CA LEU D 85 -2.59 5.09 -17.57
C LEU D 85 -3.55 4.16 -16.85
N LYS D 86 -4.84 4.48 -16.92
CA LYS D 86 -5.84 3.68 -16.25
C LYS D 86 -6.24 2.47 -17.11
N HIS D 87 -6.79 1.45 -16.44
CA HIS D 87 -7.35 0.29 -17.11
C HIS D 87 -6.33 -0.33 -18.07
N CYS D 88 -5.11 -0.51 -17.58
CA CYS D 88 -3.98 -0.89 -18.41
C CYS D 88 -3.49 -2.28 -18.05
N ILE D 89 -3.26 -3.11 -19.07
CA ILE D 89 -2.73 -4.48 -18.95
C ILE D 89 -1.38 -4.50 -19.65
N ARG D 90 -0.37 -5.02 -18.97
CA ARG D 90 0.99 -5.06 -19.50
C ARG D 90 1.50 -6.49 -19.43
N VAL D 91 2.12 -6.93 -20.53
CA VAL D 91 2.68 -8.27 -20.64
C VAL D 91 4.19 -8.16 -20.69
N LEU D 92 4.87 -9.13 -20.06
CA LEU D 92 6.32 -9.32 -20.20
C LEU D 92 6.52 -10.81 -20.46
N MET D 93 6.78 -11.14 -21.72
CA MET D 93 6.98 -12.50 -22.16
C MET D 93 8.46 -12.76 -22.34
N THR D 94 8.99 -13.80 -21.68
CA THR D 94 10.41 -14.15 -21.77
C THR D 94 10.57 -15.27 -22.80
N VAL D 95 11.21 -14.99 -23.92
N VAL D 95 11.27 -14.99 -23.90
CA VAL D 95 11.26 -15.93 -25.03
CA VAL D 95 11.31 -15.88 -25.06
C VAL D 95 12.71 -16.26 -25.36
C VAL D 95 12.73 -16.24 -25.39
N GLN D 96 12.95 -17.52 -25.71
CA GLN D 96 14.22 -17.94 -26.29
C GLN D 96 14.20 -17.50 -27.74
N THR D 97 14.95 -16.45 -28.04
CA THR D 97 15.04 -15.91 -29.39
C THR D 97 16.44 -15.33 -29.56
N ASP D 98 16.96 -15.48 -30.76
CA ASP D 98 18.26 -14.92 -31.10
C ASP D 98 18.13 -13.63 -31.90
N THR D 99 16.93 -13.04 -31.93
CA THR D 99 16.73 -11.70 -32.48
C THR D 99 17.52 -10.68 -31.68
N LYS D 100 18.16 -9.76 -32.38
CA LYS D 100 18.93 -8.72 -31.70
C LYS D 100 18.03 -7.90 -30.80
N GLN D 101 18.61 -7.39 -29.69
CA GLN D 101 17.81 -6.68 -28.71
C GLN D 101 17.02 -5.52 -29.32
N GLU D 102 17.64 -4.74 -30.21
CA GLU D 102 16.93 -3.58 -30.77
C GLU D 102 15.90 -3.96 -31.82
N ASP D 103 15.85 -5.22 -32.24
CA ASP D 103 14.90 -5.68 -33.24
C ASP D 103 13.68 -6.38 -32.63
N VAL D 104 13.68 -6.62 -31.31
CA VAL D 104 12.49 -7.16 -30.66
C VAL D 104 11.36 -6.15 -30.82
N GLN D 105 10.17 -6.66 -31.11
CA GLN D 105 9.00 -5.83 -31.40
C GLN D 105 8.10 -5.78 -30.18
N HIS D 106 8.22 -4.70 -29.42
CA HIS D 106 7.36 -4.44 -28.28
C HIS D 106 6.09 -3.74 -28.75
N VAL D 107 4.97 -4.05 -28.10
CA VAL D 107 3.65 -3.78 -28.66
C VAL D 107 2.86 -2.84 -27.76
N TYR D 108 2.34 -1.77 -28.35
CA TYR D 108 1.51 -0.81 -27.64
C TYR D 108 0.21 -0.60 -28.41
N LEU D 109 -0.91 -0.96 -27.78
CA LEU D 109 -2.21 -0.94 -28.43
C LEU D 109 -3.17 -0.08 -27.63
N GLU D 110 -4.25 0.31 -28.30
CA GLU D 110 -5.35 1.07 -27.68
C GLU D 110 -4.79 2.34 -27.04
N GLU D 111 -5.18 2.68 -25.81
CA GLU D 111 -4.70 3.92 -25.21
C GLU D 111 -3.25 3.83 -24.78
N ALA D 112 -2.67 2.63 -24.76
CA ALA D 112 -1.27 2.50 -24.40
C ALA D 112 -0.33 2.95 -25.51
N VAL D 113 -0.84 3.31 -26.69
CA VAL D 113 0.03 3.95 -27.67
C VAL D 113 0.68 5.19 -27.09
N THR D 114 0.06 5.80 -26.07
CA THR D 114 0.67 6.95 -25.41
C THR D 114 1.94 6.61 -24.67
N LEU D 115 2.24 5.32 -24.48
CA LEU D 115 3.42 4.89 -23.75
C LEU D 115 4.62 4.57 -24.65
N ARG D 116 4.48 4.63 -25.97
CA ARG D 116 5.62 4.27 -26.80
C ARG D 116 6.80 5.20 -26.51
N PRO D 117 8.03 4.69 -26.48
CA PRO D 117 9.20 5.56 -26.29
C PRO D 117 9.44 6.49 -27.46
N ASP D 118 8.81 6.23 -28.61
CA ASP D 118 9.06 7.00 -29.81
C ASP D 118 10.51 6.88 -30.26
N MET E 1 21.95 -24.49 -22.82
CA MET E 1 20.73 -25.18 -22.40
C MET E 1 19.54 -24.23 -22.47
N MET E 2 18.36 -24.83 -22.49
CA MET E 2 17.12 -24.09 -22.39
C MET E 2 16.86 -23.72 -20.93
N PHE E 3 15.88 -22.82 -20.75
CA PHE E 3 15.42 -22.36 -19.43
C PHE E 3 13.90 -22.47 -19.40
N ARG E 4 13.36 -22.72 -18.21
CA ARG E 4 11.93 -22.97 -18.05
C ARG E 4 11.44 -22.34 -16.75
N GLY E 5 10.24 -21.75 -16.82
CA GLY E 5 9.53 -21.36 -15.61
C GLY E 5 8.81 -22.55 -15.01
N ILE E 6 8.85 -22.64 -13.69
CA ILE E 6 8.11 -23.65 -12.92
C ILE E 6 7.16 -22.91 -12.00
N ARG E 7 5.88 -23.24 -12.09
CA ARG E 7 4.84 -22.59 -11.29
C ARG E 7 4.50 -23.45 -10.07
N GLY E 8 4.19 -22.80 -8.96
CA GLY E 8 3.54 -23.44 -7.85
C GLY E 8 2.47 -22.53 -7.27
N ALA E 9 1.55 -23.13 -6.54
CA ALA E 9 0.58 -22.34 -5.79
C ALA E 9 0.14 -23.11 -4.56
N THR E 10 -0.15 -22.37 -3.48
CA THR E 10 -0.65 -22.94 -2.24
C THR E 10 -1.49 -21.90 -1.53
N THR E 11 -2.08 -22.28 -0.39
CA THR E 11 -2.89 -21.38 0.41
C THR E 11 -2.55 -21.55 1.88
N VAL E 12 -2.91 -20.53 2.67
CA VAL E 12 -2.84 -20.58 4.12
C VAL E 12 -4.25 -20.42 4.68
N THR E 13 -4.48 -21.00 5.85
CA THR E 13 -5.78 -20.86 6.51
C THR E 13 -5.90 -19.50 7.16
N GLU E 14 -4.78 -18.95 7.63
CA GLU E 14 -4.76 -17.65 8.28
C GLU E 14 -3.43 -16.98 7.98
N ASP E 15 -3.43 -15.65 8.10
CA ASP E 15 -2.26 -14.84 7.80
C ASP E 15 -1.42 -14.72 9.08
N THR E 16 -0.66 -15.77 9.36
CA THR E 16 0.34 -15.76 10.42
C THR E 16 1.70 -16.07 9.82
N GLU E 17 2.76 -15.56 10.46
CA GLU E 17 4.10 -15.80 9.93
C GLU E 17 4.41 -17.29 9.87
N THR E 18 4.10 -18.02 10.95
CA THR E 18 4.43 -19.43 10.97
C THR E 18 3.72 -20.19 9.85
N GLU E 19 2.43 -19.91 9.63
N GLU E 19 2.44 -19.92 9.63
CA GLU E 19 1.74 -20.66 8.59
CA GLU E 19 1.73 -20.66 8.59
C GLU E 19 2.18 -20.23 7.19
C GLU E 19 2.16 -20.23 7.19
N VAL E 20 2.38 -18.93 6.97
CA VAL E 20 2.88 -18.48 5.68
C VAL E 20 4.22 -19.13 5.36
N LEU E 21 5.14 -19.16 6.33
CA LEU E 21 6.45 -19.73 6.06
C LEU E 21 6.36 -21.24 5.88
N ASN E 22 5.57 -21.90 6.72
CA ASN E 22 5.42 -23.36 6.62
C ASN E 22 4.85 -23.75 5.26
N LYS E 23 3.77 -23.09 4.84
CA LYS E 23 3.14 -23.46 3.57
C LYS E 23 4.03 -23.11 2.39
N THR E 24 4.73 -21.98 2.46
CA THR E 24 5.66 -21.63 1.38
C THR E 24 6.79 -22.65 1.32
N LYS E 25 7.33 -23.04 2.47
CA LYS E 25 8.38 -24.05 2.52
C LYS E 25 7.91 -25.38 1.91
N GLN E 26 6.70 -25.83 2.27
CA GLN E 26 6.19 -27.09 1.74
C GLN E 26 6.01 -27.01 0.23
N LEU E 27 5.58 -25.85 -0.28
CA LEU E 27 5.41 -25.70 -1.73
C LEU E 27 6.76 -25.71 -2.44
N LEU E 28 7.72 -24.96 -1.93
CA LEU E 28 9.04 -24.97 -2.54
C LEU E 28 9.67 -26.36 -2.51
N GLU E 29 9.48 -27.08 -1.40
CA GLU E 29 10.06 -28.41 -1.29
C GLU E 29 9.51 -29.33 -2.37
N ALA E 30 8.20 -29.26 -2.62
CA ALA E 30 7.58 -30.07 -3.68
C ALA E 30 8.13 -29.70 -5.05
N ILE E 31 8.21 -28.40 -5.34
CA ILE E 31 8.73 -27.97 -6.64
C ILE E 31 10.14 -28.53 -6.85
N ILE E 32 10.98 -28.37 -5.83
CA ILE E 32 12.39 -28.73 -5.93
C ILE E 32 12.57 -30.24 -6.08
N SER E 33 11.83 -31.02 -5.29
N SER E 33 11.83 -31.01 -5.28
CA SER E 33 11.98 -32.47 -5.36
CA SER E 33 11.94 -32.46 -5.33
C SER E 33 11.42 -33.02 -6.66
C SER E 33 11.41 -33.01 -6.65
N ARG E 34 10.22 -32.57 -7.05
CA ARG E 34 9.59 -33.13 -8.25
C ARG E 34 10.39 -32.79 -9.50
N ASN E 35 10.96 -31.59 -9.56
CA ASN E 35 11.71 -31.13 -10.73
C ASN E 35 13.22 -31.31 -10.57
N GLU E 36 13.67 -31.92 -9.47
CA GLU E 36 15.08 -32.17 -9.24
C GLU E 36 15.92 -30.92 -9.47
N VAL E 37 15.56 -29.86 -8.77
CA VAL E 37 16.16 -28.54 -8.97
C VAL E 37 17.38 -28.39 -8.07
N ASP E 38 18.53 -28.16 -8.69
CA ASP E 38 19.72 -27.73 -7.95
C ASP E 38 19.75 -26.21 -7.85
N PRO E 39 20.05 -25.66 -6.68
CA PRO E 39 19.94 -24.19 -6.53
C PRO E 39 20.78 -23.40 -7.51
N GLU E 40 21.95 -23.90 -7.88
CA GLU E 40 22.87 -23.16 -8.73
C GLU E 40 22.32 -23.02 -10.14
N ARG E 41 21.31 -23.82 -10.51
CA ARG E 41 20.65 -23.74 -11.81
C ARG E 41 19.43 -22.83 -11.81
N VAL E 42 19.13 -22.19 -10.68
CA VAL E 42 17.97 -21.32 -10.56
C VAL E 42 18.41 -19.90 -10.85
N VAL E 43 17.78 -19.30 -11.87
CA VAL E 43 18.06 -17.92 -12.23
C VAL E 43 17.53 -16.97 -11.16
N GLN E 44 16.29 -17.17 -10.74
CA GLN E 44 15.57 -16.28 -9.85
C GLN E 44 14.24 -16.93 -9.52
N ILE E 45 13.64 -16.47 -8.42
CA ILE E 45 12.32 -16.88 -7.99
C ILE E 45 11.48 -15.64 -7.74
N LEU E 46 10.27 -15.63 -8.23
CA LEU E 46 9.26 -14.65 -7.86
C LEU E 46 8.18 -15.36 -7.04
N ILE E 47 7.72 -14.71 -5.97
CA ILE E 47 6.63 -15.24 -5.16
C ILE E 47 5.59 -14.13 -5.01
N SER E 48 4.36 -14.38 -5.45
CA SER E 48 3.29 -13.43 -5.22
C SER E 48 2.42 -13.91 -4.05
N ALA E 49 1.73 -12.96 -3.44
CA ALA E 49 0.72 -13.24 -2.43
C ALA E 49 -0.46 -12.33 -2.72
N THR E 50 -1.65 -12.84 -2.44
CA THR E 50 -2.85 -12.02 -2.45
C THR E 50 -2.77 -10.94 -1.37
N GLN E 51 -3.58 -9.90 -1.54
CA GLN E 51 -3.48 -8.67 -0.75
C GLN E 51 -4.03 -8.84 0.65
N ASP E 52 -4.40 -10.06 1.04
CA ASP E 52 -4.82 -10.40 2.39
C ASP E 52 -3.71 -11.04 3.22
N ILE E 53 -2.48 -11.04 2.72
CA ILE E 53 -1.32 -11.57 3.44
C ILE E 53 -0.38 -10.42 3.80
N HIS E 54 -0.20 -10.18 5.11
CA HIS E 54 0.62 -9.10 5.61
C HIS E 54 1.61 -9.53 6.68
N SER E 55 1.61 -10.80 7.09
CA SER E 55 2.37 -11.19 8.27
C SER E 55 3.87 -11.30 8.03
N VAL E 56 4.29 -11.68 6.82
CA VAL E 56 5.68 -11.97 6.53
C VAL E 56 5.86 -12.06 5.02
N PHE E 57 7.03 -11.64 4.52
CA PHE E 57 7.36 -11.93 3.13
C PHE E 57 7.50 -13.43 2.95
N PRO E 58 6.77 -14.06 2.02
CA PRO E 58 6.98 -15.51 1.83
C PRO E 58 8.41 -15.86 1.47
N ALA E 59 9.15 -14.94 0.86
CA ALA E 59 10.52 -15.20 0.46
C ALA E 59 11.41 -15.58 1.64
N LYS E 60 11.03 -15.19 2.86
CA LYS E 60 11.82 -15.52 4.04
C LYS E 60 11.94 -17.02 4.24
N ALA E 61 11.02 -17.79 3.65
CA ALA E 61 11.07 -19.25 3.81
C ALA E 61 12.32 -19.84 3.18
N LEU E 62 12.90 -19.17 2.18
N LEU E 62 12.91 -19.17 2.19
CA LEU E 62 14.07 -19.71 1.51
CA LEU E 62 14.06 -19.75 1.50
C LEU E 62 15.25 -19.86 2.45
C LEU E 62 15.28 -19.82 2.42
N ARG E 63 15.28 -19.08 3.54
CA ARG E 63 16.38 -19.14 4.48
C ARG E 63 16.52 -20.51 5.12
N GLN E 64 15.48 -21.33 5.08
CA GLN E 64 15.50 -22.65 5.67
C GLN E 64 16.02 -23.73 4.72
N PHE E 65 16.40 -23.35 3.51
CA PHE E 65 16.83 -24.31 2.50
C PHE E 65 18.35 -24.29 2.41
N GLU E 66 18.98 -25.32 2.94
CA GLU E 66 20.43 -25.47 2.83
C GLU E 66 20.86 -25.43 1.38
N GLY E 67 21.86 -24.61 1.09
CA GLY E 67 22.36 -24.46 -0.26
C GLY E 67 21.69 -23.42 -1.12
N TRP E 68 20.59 -22.83 -0.65
CA TRP E 68 19.80 -21.87 -1.42
C TRP E 68 20.04 -20.42 -1.02
N THR E 69 21.09 -20.17 -0.24
CA THR E 69 21.34 -18.86 0.35
C THR E 69 21.51 -17.78 -0.70
N TYR E 70 22.06 -18.12 -1.86
CA TYR E 70 22.37 -17.14 -2.88
C TYR E 70 21.35 -17.12 -4.02
N VAL E 71 20.25 -17.82 -3.90
CA VAL E 71 19.25 -17.82 -4.97
C VAL E 71 18.44 -16.54 -4.86
N PRO E 72 18.38 -15.71 -5.89
CA PRO E 72 17.63 -14.46 -5.77
C PRO E 72 16.13 -14.74 -5.72
N VAL E 73 15.44 -14.10 -4.79
CA VAL E 73 14.00 -14.27 -4.62
C VAL E 73 13.42 -12.92 -4.23
N THR E 74 12.26 -12.58 -4.77
CA THR E 74 11.58 -11.35 -4.40
C THR E 74 10.09 -11.53 -4.64
N CYS E 75 9.30 -10.65 -4.06
CA CYS E 75 7.85 -10.83 -3.98
C CYS E 75 7.10 -9.72 -4.72
N MET E 76 5.82 -9.97 -4.94
N MET E 76 5.79 -9.94 -4.86
CA MET E 76 4.92 -8.94 -5.44
CA MET E 76 4.90 -9.02 -5.54
C MET E 76 3.50 -9.30 -5.01
C MET E 76 3.46 -9.36 -5.15
N GLN E 77 2.59 -8.35 -5.18
CA GLN E 77 1.20 -8.56 -4.83
C GLN E 77 0.41 -9.04 -6.04
N GLU E 78 -0.36 -10.09 -5.84
CA GLU E 78 -1.25 -10.61 -6.87
C GLU E 78 -2.47 -9.71 -7.03
N LEU E 79 -3.07 -9.75 -8.22
CA LEU E 79 -4.30 -9.03 -8.50
C LEU E 79 -5.41 -9.44 -7.55
N ASP E 80 -6.30 -8.49 -7.30
CA ASP E 80 -7.53 -8.72 -6.55
C ASP E 80 -8.64 -8.99 -7.57
N ILE E 81 -8.89 -10.26 -7.87
CA ILE E 81 -9.92 -10.65 -8.83
C ILE E 81 -11.16 -11.12 -8.09
N HIS E 82 -12.32 -10.64 -8.51
CA HIS E 82 -13.57 -11.07 -7.91
C HIS E 82 -13.73 -12.59 -8.12
N GLY E 83 -13.87 -13.32 -7.02
CA GLY E 83 -13.89 -14.78 -7.06
C GLY E 83 -12.53 -15.43 -7.04
N GLY E 84 -11.45 -14.66 -7.00
CA GLY E 84 -10.12 -15.24 -6.94
C GLY E 84 -9.85 -15.93 -5.61
N LEU E 85 -8.96 -16.91 -5.65
CA LEU E 85 -8.64 -17.68 -4.45
C LEU E 85 -7.97 -16.79 -3.42
N LYS E 86 -8.47 -16.82 -2.19
CA LYS E 86 -7.97 -15.98 -1.10
C LYS E 86 -6.77 -16.64 -0.42
N HIS E 87 -6.01 -15.83 0.30
CA HIS E 87 -4.87 -16.30 1.09
C HIS E 87 -3.97 -17.21 0.26
N CYS E 88 -3.63 -16.76 -0.95
CA CYS E 88 -2.95 -17.61 -1.93
C CYS E 88 -1.55 -17.08 -2.22
N ILE E 89 -0.60 -18.01 -2.21
CA ILE E 89 0.81 -17.75 -2.48
C ILE E 89 1.18 -18.50 -3.75
N ARG E 90 1.77 -17.80 -4.71
CA ARG E 90 2.14 -18.36 -5.99
C ARG E 90 3.63 -18.18 -6.26
N VAL E 91 4.27 -19.19 -6.82
CA VAL E 91 5.70 -19.18 -7.10
C VAL E 91 5.91 -19.29 -8.59
N LEU E 92 6.90 -18.56 -9.09
CA LEU E 92 7.42 -18.73 -10.45
C LEU E 92 8.94 -18.79 -10.36
N MET E 93 9.48 -20.00 -10.54
CA MET E 93 10.90 -20.27 -10.40
C MET E 93 11.48 -20.50 -11.79
N THR E 94 12.52 -19.76 -12.15
CA THR E 94 13.12 -19.88 -13.48
C THR E 94 14.40 -20.69 -13.37
N VAL E 95 14.49 -21.80 -14.14
N VAL E 95 14.46 -21.82 -14.08
CA VAL E 95 15.52 -22.81 -13.96
CA VAL E 95 15.58 -22.74 -13.95
C VAL E 95 16.17 -23.17 -15.30
C VAL E 95 16.20 -23.02 -15.32
N GLN E 96 17.47 -23.39 -15.28
CA GLN E 96 18.17 -23.94 -16.43
C GLN E 96 17.82 -25.42 -16.52
N THR E 97 17.21 -25.84 -17.63
CA THR E 97 16.85 -27.24 -17.80
C THR E 97 16.50 -27.51 -19.26
N ASP E 98 16.88 -28.68 -19.75
CA ASP E 98 16.47 -29.13 -21.07
C ASP E 98 15.20 -29.99 -21.00
N THR E 99 14.56 -30.12 -19.85
CA THR E 99 13.29 -30.82 -19.77
C THR E 99 12.28 -30.19 -20.72
N LYS E 100 11.56 -31.04 -21.44
CA LYS E 100 10.54 -30.54 -22.36
C LYS E 100 9.49 -29.71 -21.63
N GLN E 101 8.95 -28.72 -22.32
CA GLN E 101 8.00 -27.81 -21.69
C GLN E 101 6.84 -28.56 -21.06
N GLU E 102 6.29 -29.55 -21.79
CA GLU E 102 5.13 -30.26 -21.29
C GLU E 102 5.46 -31.13 -20.08
N ASP E 103 6.73 -31.49 -19.90
CA ASP E 103 7.14 -32.38 -18.82
C ASP E 103 7.38 -31.66 -17.51
N VAL E 104 7.51 -30.33 -17.53
CA VAL E 104 7.79 -29.58 -16.31
C VAL E 104 6.65 -29.84 -15.32
N GLN E 105 7.00 -30.06 -14.05
CA GLN E 105 6.01 -30.43 -13.03
C GLN E 105 5.64 -29.19 -12.22
N HIS E 106 4.53 -28.57 -12.58
CA HIS E 106 4.01 -27.44 -11.81
C HIS E 106 3.20 -27.98 -10.64
N VAL E 107 3.20 -27.25 -9.53
CA VAL E 107 2.76 -27.81 -8.25
C VAL E 107 1.65 -26.97 -7.65
N TYR E 108 0.51 -27.60 -7.40
CA TYR E 108 -0.68 -26.93 -6.85
C TYR E 108 -1.11 -27.68 -5.59
N LEU E 109 -1.01 -27.01 -4.45
CA LEU E 109 -1.25 -27.63 -3.14
C LEU E 109 -2.35 -26.92 -2.37
N GLU E 110 -2.86 -27.59 -1.35
CA GLU E 110 -3.86 -27.00 -0.43
C GLU E 110 -5.07 -26.57 -1.27
N GLU E 111 -5.69 -25.41 -0.98
CA GLU E 111 -6.88 -25.02 -1.73
C GLU E 111 -6.53 -24.62 -3.16
N ALA E 112 -5.24 -24.37 -3.45
CA ALA E 112 -4.80 -24.00 -4.78
C ALA E 112 -4.84 -25.19 -5.75
N VAL E 113 -5.14 -26.40 -5.29
CA VAL E 113 -5.47 -27.45 -6.25
C VAL E 113 -6.56 -26.98 -7.20
N THR E 114 -7.46 -26.11 -6.72
CA THR E 114 -8.53 -25.57 -7.56
C THR E 114 -8.03 -24.73 -8.74
N LEU E 115 -6.76 -24.31 -8.73
CA LEU E 115 -6.18 -23.51 -9.80
C LEU E 115 -5.48 -24.34 -10.86
N ARG E 116 -5.38 -25.65 -10.69
CA ARG E 116 -4.61 -26.47 -11.63
C ARG E 116 -5.14 -26.25 -13.05
N PRO E 117 -4.29 -25.93 -14.03
CA PRO E 117 -4.83 -25.53 -15.34
C PRO E 117 -5.75 -26.56 -16.00
N ASP E 118 -5.46 -27.86 -15.85
CA ASP E 118 -6.28 -28.87 -16.53
C ASP E 118 -7.69 -28.95 -15.97
N LEU E 119 -7.95 -28.32 -14.82
CA LEU E 119 -9.28 -28.30 -14.22
C LEU E 119 -10.06 -27.05 -14.58
N GLN E 120 -9.54 -26.20 -15.48
CA GLN E 120 -10.20 -24.93 -15.80
C GLN E 120 -10.97 -24.99 -17.11
N MET F 1 25.99 -20.88 -21.82
N MET F 1 25.71 -20.70 -21.92
CA MET F 1 25.84 -19.61 -21.08
CA MET F 1 25.83 -19.43 -21.14
C MET F 1 24.81 -19.74 -19.97
C MET F 1 24.70 -19.44 -20.11
N MET F 2 24.99 -18.98 -18.91
CA MET F 2 24.06 -18.97 -17.80
C MET F 2 23.38 -17.61 -17.71
N PHE F 3 22.30 -17.59 -16.93
CA PHE F 3 21.51 -16.40 -16.66
C PHE F 3 21.36 -16.27 -15.16
N ARG F 4 21.43 -15.04 -14.65
CA ARG F 4 21.38 -14.80 -13.21
C ARG F 4 20.49 -13.60 -12.91
N GLY F 5 19.66 -13.72 -11.88
CA GLY F 5 19.00 -12.56 -11.33
C GLY F 5 19.97 -11.77 -10.46
N ILE F 6 19.96 -10.45 -10.64
CA ILE F 6 20.74 -9.54 -9.81
C ILE F 6 19.77 -8.61 -9.08
N ARG F 7 19.86 -8.57 -7.75
CA ARG F 7 18.92 -7.81 -6.94
C ARG F 7 19.55 -6.54 -6.43
N GLY F 8 18.70 -5.51 -6.28
CA GLY F 8 19.07 -4.34 -5.54
C GLY F 8 17.89 -3.84 -4.74
N ALA F 9 18.19 -3.05 -3.71
CA ALA F 9 17.14 -2.38 -2.96
C ALA F 9 17.65 -1.04 -2.46
N THR F 10 16.74 -0.07 -2.41
CA THR F 10 17.04 1.26 -1.91
C THR F 10 15.76 1.85 -1.33
N THR F 11 15.88 3.05 -0.77
CA THR F 11 14.72 3.75 -0.23
C THR F 11 14.74 5.21 -0.65
N VAL F 12 13.57 5.83 -0.59
CA VAL F 12 13.42 7.27 -0.79
C VAL F 12 13.02 7.93 0.53
N THR F 13 13.47 9.17 0.72
CA THR F 13 13.08 9.90 1.92
C THR F 13 11.60 10.29 1.88
N GLU F 14 11.07 10.49 0.68
CA GLU F 14 9.70 10.94 0.46
C GLU F 14 9.31 10.53 -0.95
N ASP F 15 8.00 10.50 -1.18
CA ASP F 15 7.44 10.05 -2.46
C ASP F 15 7.28 11.22 -3.41
N THR F 16 8.41 11.64 -3.99
CA THR F 16 8.44 12.66 -5.03
C THR F 16 9.10 12.06 -6.27
N GLU F 17 8.69 12.55 -7.44
CA GLU F 17 9.25 11.98 -8.66
C GLU F 17 10.76 12.12 -8.69
N THR F 18 11.27 13.28 -8.29
CA THR F 18 12.71 13.49 -8.39
C THR F 18 13.47 12.55 -7.46
N GLU F 19 12.97 12.31 -6.25
CA GLU F 19 13.68 11.40 -5.33
C GLU F 19 13.56 9.95 -5.80
N VAL F 20 12.38 9.54 -6.26
CA VAL F 20 12.23 8.17 -6.76
C VAL F 20 13.17 7.92 -7.93
N LEU F 21 13.24 8.86 -8.88
CA LEU F 21 14.10 8.64 -10.03
C LEU F 21 15.58 8.72 -9.65
N ASN F 22 15.94 9.67 -8.77
CA ASN F 22 17.34 9.79 -8.36
C ASN F 22 17.81 8.51 -7.66
N LYS F 23 17.02 8.01 -6.71
CA LYS F 23 17.45 6.85 -5.95
C LYS F 23 17.43 5.59 -6.82
N THR F 24 16.44 5.48 -7.73
CA THR F 24 16.43 4.33 -8.62
C THR F 24 17.63 4.36 -9.55
N LYS F 25 17.96 5.54 -10.08
CA LYS F 25 19.13 5.68 -10.94
C LYS F 25 20.40 5.26 -10.20
N GLN F 26 20.56 5.74 -8.96
CA GLN F 26 21.77 5.41 -8.21
C GLN F 26 21.87 3.91 -7.94
N LEU F 27 20.74 3.28 -7.61
CA LEU F 27 20.75 1.83 -7.41
C LEU F 27 21.11 1.09 -8.68
N LEU F 28 20.51 1.48 -9.81
CA LEU F 28 20.83 0.86 -11.09
C LEU F 28 22.30 1.06 -11.44
N GLU F 29 22.82 2.27 -11.21
CA GLU F 29 24.23 2.53 -11.49
C GLU F 29 25.14 1.59 -10.70
N ALA F 30 24.82 1.37 -9.42
CA ALA F 30 25.63 0.49 -8.59
C ALA F 30 25.54 -0.95 -9.06
N ILE F 31 24.32 -1.44 -9.38
CA ILE F 31 24.18 -2.79 -9.92
C ILE F 31 25.02 -2.94 -11.17
N ILE F 32 24.89 -1.98 -12.10
CA ILE F 32 25.56 -2.06 -13.39
C ILE F 32 27.06 -2.02 -13.23
N SER F 33 27.56 -1.13 -12.39
CA SER F 33 29.00 -0.98 -12.24
C SER F 33 29.60 -2.21 -11.56
N ARG F 34 29.01 -2.61 -10.45
CA ARG F 34 29.62 -3.68 -9.66
C ARG F 34 29.54 -5.03 -10.37
N ASN F 35 28.57 -5.23 -11.24
CA ASN F 35 28.43 -6.48 -11.98
C ASN F 35 28.84 -6.32 -13.43
N GLU F 36 29.39 -5.17 -13.79
CA GLU F 36 29.87 -4.90 -15.15
C GLU F 36 28.84 -5.31 -16.21
N VAL F 37 27.64 -4.78 -16.07
CA VAL F 37 26.51 -5.23 -16.88
C VAL F 37 26.44 -4.45 -18.18
N ASP F 38 26.57 -5.17 -19.29
CA ASP F 38 26.32 -4.64 -20.63
C ASP F 38 24.82 -4.72 -20.91
N PRO F 39 24.17 -3.62 -21.31
CA PRO F 39 22.71 -3.66 -21.52
C PRO F 39 22.27 -4.74 -22.50
N GLU F 40 23.09 -5.07 -23.49
CA GLU F 40 22.72 -6.03 -24.51
C GLU F 40 22.60 -7.44 -23.94
N ARG F 41 23.19 -7.70 -22.77
CA ARG F 41 23.06 -8.99 -22.10
C ARG F 41 21.89 -9.04 -21.12
N VAL F 42 21.10 -7.97 -20.98
CA VAL F 42 20.01 -7.94 -20.02
C VAL F 42 18.72 -8.40 -20.70
N VAL F 43 18.19 -9.51 -20.21
CA VAL F 43 16.96 -10.07 -20.75
C VAL F 43 15.78 -9.17 -20.44
N GLN F 44 15.68 -8.71 -19.19
CA GLN F 44 14.56 -7.91 -18.70
C GLN F 44 14.88 -7.44 -17.27
N ILE F 45 14.14 -6.44 -16.83
CA ILE F 45 14.25 -5.90 -15.48
C ILE F 45 12.86 -5.78 -14.89
N LEU F 46 12.70 -6.21 -13.65
CA LEU F 46 11.53 -5.92 -12.83
C LEU F 46 11.91 -4.93 -11.74
N ILE F 47 11.02 -4.00 -11.44
CA ILE F 47 11.20 -3.10 -10.32
C ILE F 47 9.91 -3.10 -9.50
N SER F 48 10.01 -3.44 -8.22
CA SER F 48 8.88 -3.28 -7.34
C SER F 48 9.02 -2.02 -6.50
N ALA F 49 7.87 -1.52 -6.04
CA ALA F 49 7.85 -0.41 -5.09
C ALA F 49 6.80 -0.75 -4.04
N THR F 50 7.06 -0.33 -2.80
CA THR F 50 6.06 -0.43 -1.75
C THR F 50 4.87 0.46 -2.08
N GLN F 51 3.78 0.21 -1.38
CA GLN F 51 2.47 0.80 -1.67
C GLN F 51 2.34 2.22 -1.15
N ASP F 52 3.44 2.82 -0.70
CA ASP F 52 3.53 4.22 -0.34
C ASP F 52 4.30 5.03 -1.37
N ILE F 53 4.48 4.50 -2.58
CA ILE F 53 5.15 5.21 -3.66
C ILE F 53 4.18 5.32 -4.85
N HIS F 54 3.80 6.56 -5.20
CA HIS F 54 2.85 6.81 -6.27
C HIS F 54 3.27 7.93 -7.20
N SER F 55 4.44 8.54 -7.00
CA SER F 55 4.77 9.74 -7.74
C SER F 55 5.19 9.49 -9.19
N VAL F 56 5.81 8.36 -9.49
CA VAL F 56 6.38 8.09 -10.81
C VAL F 56 6.69 6.59 -10.87
N PHE F 57 6.66 6.03 -12.06
CA PHE F 57 7.16 4.67 -12.27
C PHE F 57 8.67 4.70 -12.11
N PRO F 58 9.27 3.89 -11.22
CA PRO F 58 10.73 3.87 -11.12
C PRO F 58 11.39 3.53 -12.43
N ALA F 59 10.70 2.76 -13.30
CA ALA F 59 11.26 2.36 -14.59
C ALA F 59 11.63 3.55 -15.46
N LYS F 60 11.03 4.72 -15.23
CA LYS F 60 11.38 5.89 -16.01
C LYS F 60 12.85 6.26 -15.86
N ALA F 61 13.48 5.86 -14.76
CA ALA F 61 14.90 6.15 -14.56
C ALA F 61 15.78 5.60 -15.68
N LEU F 62 15.37 4.47 -16.28
N LEU F 62 15.38 4.47 -16.28
CA LEU F 62 16.24 3.85 -17.27
CA LEU F 62 16.25 3.85 -17.28
C LEU F 62 16.41 4.70 -18.52
C LEU F 62 16.42 4.71 -18.53
N ARG F 63 15.51 5.66 -18.77
CA ARG F 63 15.63 6.52 -19.93
C ARG F 63 16.90 7.33 -19.91
N GLN F 64 17.51 7.49 -18.74
CA GLN F 64 18.72 8.28 -18.63
C GLN F 64 19.99 7.48 -18.82
N PHE F 65 19.89 6.19 -19.08
CA PHE F 65 21.06 5.33 -19.25
C PHE F 65 21.34 5.14 -20.75
N GLU F 66 22.41 5.79 -21.21
CA GLU F 66 22.79 5.64 -22.61
C GLU F 66 23.06 4.17 -22.90
N GLY F 67 22.48 3.68 -23.99
CA GLY F 67 22.66 2.32 -24.39
C GLY F 67 21.62 1.35 -23.88
N TRP F 68 20.73 1.79 -22.99
CA TRP F 68 19.73 0.94 -22.34
C TRP F 68 18.33 1.12 -22.94
N THR F 69 18.22 1.78 -24.09
CA THR F 69 16.92 2.11 -24.68
C THR F 69 16.09 0.88 -24.97
N TYR F 70 16.72 -0.24 -25.29
CA TYR F 70 16.01 -1.44 -25.71
C TYR F 70 15.92 -2.52 -24.62
N VAL F 71 16.30 -2.20 -23.39
CA VAL F 71 16.21 -3.14 -22.29
C VAL F 71 14.79 -3.12 -21.74
N PRO F 72 14.04 -4.22 -21.78
CA PRO F 72 12.67 -4.19 -21.28
C PRO F 72 12.64 -4.10 -19.77
N VAL F 73 11.79 -3.21 -19.26
CA VAL F 73 11.62 -3.00 -17.83
C VAL F 73 10.15 -2.80 -17.54
N THR F 74 9.69 -3.35 -16.42
CA THR F 74 8.31 -3.11 -15.98
C THR F 74 8.26 -3.24 -14.47
N CYS F 75 7.17 -2.77 -13.90
CA CYS F 75 7.08 -2.61 -12.45
C CYS F 75 5.97 -3.49 -11.87
N MET F 76 5.96 -3.58 -10.55
N MET F 76 5.96 -3.57 -10.56
CA MET F 76 5.00 -4.40 -9.81
CA MET F 76 4.84 -4.21 -9.87
C MET F 76 4.94 -3.93 -8.36
C MET F 76 4.85 -3.74 -8.43
N GLN F 77 3.75 -4.02 -7.75
CA GLN F 77 3.60 -3.63 -6.36
C GLN F 77 4.22 -4.68 -5.46
N GLU F 78 5.01 -4.22 -4.49
CA GLU F 78 5.50 -5.06 -3.41
C GLU F 78 4.39 -5.29 -2.39
N LEU F 79 4.49 -6.43 -1.70
CA LEU F 79 3.58 -6.74 -0.61
C LEU F 79 3.65 -5.67 0.49
N ASP F 80 2.53 -5.54 1.21
CA ASP F 80 2.45 -4.64 2.37
C ASP F 80 2.53 -5.52 3.61
N ILE F 81 3.74 -5.65 4.15
CA ILE F 81 4.04 -6.52 5.28
C ILE F 81 4.15 -5.66 6.54
N HIS F 82 3.55 -6.12 7.64
CA HIS F 82 3.68 -5.44 8.92
C HIS F 82 5.15 -5.32 9.30
N GLY F 83 5.61 -4.09 9.51
CA GLY F 83 7.00 -3.83 9.81
C GLY F 83 7.91 -3.83 8.61
N GLY F 84 7.38 -4.04 7.40
CA GLY F 84 8.21 -4.01 6.22
C GLY F 84 8.79 -2.64 5.97
N LEU F 85 9.95 -2.61 5.31
CA LEU F 85 10.64 -1.35 5.07
C LEU F 85 9.79 -0.44 4.19
N LYS F 86 9.56 0.78 4.65
CA LYS F 86 8.72 1.72 3.92
C LYS F 86 9.52 2.37 2.80
N HIS F 87 8.80 2.90 1.81
CA HIS F 87 9.39 3.70 0.75
C HIS F 87 10.56 2.96 0.07
N CYS F 88 10.33 1.69 -0.24
CA CYS F 88 11.41 0.81 -0.68
C CYS F 88 11.20 0.39 -2.13
N ILE F 89 12.27 0.52 -2.92
CA ILE F 89 12.30 0.16 -4.34
C ILE F 89 13.27 -1.00 -4.49
N ARG F 90 12.81 -2.08 -5.12
CA ARG F 90 13.60 -3.29 -5.27
C ARG F 90 13.69 -3.65 -6.75
N VAL F 91 14.91 -3.90 -7.21
CA VAL F 91 15.19 -4.25 -8.60
C VAL F 91 15.52 -5.73 -8.67
N LEU F 92 15.05 -6.38 -9.73
CA LEU F 92 15.47 -7.74 -10.09
C LEU F 92 15.83 -7.70 -11.58
N MET F 93 17.12 -7.70 -11.89
CA MET F 93 17.61 -7.61 -13.27
C MET F 93 18.04 -8.99 -13.69
N THR F 94 17.50 -9.49 -14.80
CA THR F 94 17.83 -10.82 -15.29
C THR F 94 18.92 -10.65 -16.37
N VAL F 95 20.11 -11.13 -16.09
CA VAL F 95 21.28 -10.86 -16.92
C VAL F 95 21.85 -12.18 -17.44
N GLN F 96 22.24 -12.19 -18.70
CA GLN F 96 23.03 -13.30 -19.22
C GLN F 96 24.45 -13.11 -18.68
N THR F 97 24.81 -13.93 -17.70
CA THR F 97 26.15 -13.90 -17.12
C THR F 97 26.48 -15.29 -16.60
N ASP F 98 27.73 -15.70 -16.83
CA ASP F 98 28.21 -16.97 -16.31
C ASP F 98 28.74 -16.86 -14.89
N THR F 99 28.74 -15.65 -14.30
CA THR F 99 29.16 -15.49 -12.92
C THR F 99 28.48 -16.50 -12.02
N LYS F 100 29.24 -17.07 -11.09
CA LYS F 100 28.69 -18.00 -10.13
C LYS F 100 27.66 -17.32 -9.24
N GLN F 101 26.68 -18.11 -8.79
CA GLN F 101 25.58 -17.57 -8.00
C GLN F 101 26.09 -16.83 -6.77
N GLU F 102 27.08 -17.41 -6.06
CA GLU F 102 27.61 -16.79 -4.85
C GLU F 102 28.48 -15.56 -5.14
N ASP F 103 28.81 -15.29 -6.41
CA ASP F 103 29.66 -14.15 -6.76
C ASP F 103 28.89 -12.95 -7.31
N VAL F 104 27.60 -13.11 -7.62
CA VAL F 104 26.78 -11.97 -8.05
C VAL F 104 26.76 -10.94 -6.94
N GLN F 105 26.90 -9.68 -7.31
CA GLN F 105 26.94 -8.56 -6.37
C GLN F 105 25.57 -7.90 -6.28
N HIS F 106 24.78 -8.33 -5.31
CA HIS F 106 23.50 -7.70 -5.00
C HIS F 106 23.73 -6.45 -4.18
N VAL F 107 22.89 -5.44 -4.38
CA VAL F 107 23.21 -4.09 -3.91
C VAL F 107 22.13 -3.58 -2.96
N TYR F 108 22.55 -3.10 -1.80
CA TYR F 108 21.63 -2.52 -0.82
C TYR F 108 22.09 -1.13 -0.46
N LEU F 109 21.25 -0.13 -0.72
CA LEU F 109 21.59 1.26 -0.49
C LEU F 109 20.58 1.93 0.43
N GLU F 110 20.97 3.10 0.93
CA GLU F 110 20.12 3.92 1.78
C GLU F 110 19.59 3.08 2.93
N GLU F 111 18.33 3.23 3.29
CA GLU F 111 17.82 2.48 4.42
C GLU F 111 17.70 1.00 4.14
N ALA F 112 17.76 0.59 2.88
CA ALA F 112 17.70 -0.83 2.55
C ALA F 112 18.94 -1.59 2.97
N VAL F 113 19.94 -0.93 3.55
CA VAL F 113 21.03 -1.70 4.14
C VAL F 113 20.48 -2.66 5.18
N THR F 114 19.34 -2.32 5.81
CA THR F 114 18.77 -3.21 6.82
C THR F 114 18.35 -4.56 6.23
N LEU F 115 18.17 -4.63 4.90
CA LEU F 115 17.81 -5.86 4.22
C LEU F 115 19.01 -6.71 3.80
N ARG F 116 20.22 -6.21 3.98
CA ARG F 116 21.42 -6.96 3.56
C ARG F 116 21.48 -8.27 4.33
N PRO F 117 21.68 -9.41 3.65
CA PRO F 117 21.71 -10.69 4.37
C PRO F 117 22.97 -10.89 5.21
#